data_1GG4
#
_entry.id   1GG4
#
_cell.length_a   74.2
_cell.length_b   74.2
_cell.length_c   429.3
_cell.angle_alpha   90.
_cell.angle_beta   90.
_cell.angle_gamma   120.
#
_symmetry.space_group_name_H-M   'P 61'
#
loop_
_entity.id
_entity.type
_entity.pdbx_description
1 polymer 'UDP-N-ACETYLMURAMOYLALANYL-D-GLUTAMYL-2,6-DIAMINOPIMELATE-D-ALANYL-D-ALANYL LIGASE'
2 water water
#
_entity_poly.entity_id   1
_entity_poly.type   'polypeptide(L)'
_entity_poly.pdbx_seq_one_letter_code
;(MSE)ISVTLSQLTDILNGELQGADITLDAVTTDTRKLTPGCLFVALKGERFDAHDFADQAKAGGAGALLVSRPLDIDLP
QLIVKDTRLAFGELAAWVRQQVPARVVALTGSSGKTSVKE(MSE)TAAILSQCGNTLYTAGNLNNDIGVP(MSE)TLLRL
TPEYDYAVIELGANHQGEIAWTVSLTRPEAALVNNLAAAHLEGFGSLAGVAKAKGEIFSGLPENGIAI(MSE)NADNNDW
LNWQSVIGSRKVWRFSPNAANSDFTATNIHVTSHGTEFTLQTPTGSVDVLLPLPGRHNIANALAAAALS(MSE)SVGATL
DAIKAGLANLKAVPGRLFPIQLAENQLLLDDSYNANVGS(MSE)TAAVQVLAE(MSE)PGYRVLVVGD(MSE)AELGAES
EACHVQVGEAAKAAGIDRVLSVGKQSHAISTASGVGEHFADKTALITRLKLLIAEQQVITILVKGSRSAA(MSE)EEVVR
ALQENGTC
;
_entity_poly.pdbx_strand_id   A,B
#
# COMPACT_ATOMS: atom_id res chain seq x y z
N MSE A 1 -14.38 -28.08 14.44
CA MSE A 1 -13.47 -28.62 15.48
C MSE A 1 -12.52 -29.64 14.86
O MSE A 1 -12.73 -30.05 13.71
CB MSE A 1 -14.30 -29.31 16.56
CG MSE A 1 -14.17 -28.67 17.91
SE MSE A 1 -12.34 -28.49 18.45
CE MSE A 1 -12.49 -28.47 20.38
N ILE A 2 -11.45 -29.93 15.57
CA ILE A 2 -10.48 -30.93 15.14
C ILE A 2 -10.35 -31.89 16.32
N SER A 3 -9.86 -33.10 16.05
CA SER A 3 -9.69 -34.11 17.08
C SER A 3 -8.54 -33.73 17.99
N VAL A 4 -8.78 -33.76 19.30
CA VAL A 4 -7.76 -33.42 20.28
C VAL A 4 -7.95 -34.26 21.57
N THR A 5 -6.86 -34.57 22.26
CA THR A 5 -6.95 -35.36 23.48
C THR A 5 -6.90 -34.52 24.74
N LEU A 6 -7.62 -34.97 25.78
CA LEU A 6 -7.64 -34.29 27.06
C LEU A 6 -6.23 -34.03 27.56
N SER A 7 -5.34 -35.01 27.41
CA SER A 7 -3.97 -34.88 27.86
C SER A 7 -3.26 -33.76 27.11
N GLN A 8 -3.57 -33.58 25.82
CA GLN A 8 -2.97 -32.50 25.04
C GLN A 8 -3.48 -31.16 25.58
N LEU A 9 -4.75 -31.13 25.97
CA LEU A 9 -5.36 -29.92 26.49
C LEU A 9 -4.82 -29.42 27.82
N THR A 10 -4.34 -30.34 28.65
CA THR A 10 -3.78 -29.95 29.94
C THR A 10 -2.65 -28.93 29.68
N ASP A 11 -1.83 -29.22 28.68
CA ASP A 11 -0.74 -28.36 28.29
C ASP A 11 -1.38 -27.09 27.73
N ILE A 12 -2.03 -27.23 26.58
CA ILE A 12 -2.67 -26.13 25.88
C ILE A 12 -3.46 -25.14 26.73
N LEU A 13 -4.37 -25.62 27.54
CA LEU A 13 -5.20 -24.73 28.34
C LEU A 13 -4.65 -24.49 29.75
N ASN A 14 -3.44 -25.00 30.01
CA ASN A 14 -2.81 -24.91 31.33
C ASN A 14 -3.85 -25.36 32.39
N GLY A 15 -4.15 -26.65 32.35
CA GLY A 15 -5.13 -27.19 33.27
C GLY A 15 -4.82 -28.60 33.67
N GLU A 16 -5.45 -29.06 34.75
CA GLU A 16 -5.27 -30.39 35.31
C GLU A 16 -6.28 -31.46 34.79
N LEU A 17 -5.78 -32.62 34.39
CA LEU A 17 -6.64 -33.70 33.91
C LEU A 17 -7.03 -34.56 35.10
N GLN A 18 -8.33 -34.64 35.37
CA GLN A 18 -8.81 -35.42 36.50
C GLN A 18 -9.79 -36.51 36.05
N GLY A 19 -9.26 -37.45 35.27
CA GLY A 19 -10.03 -38.57 34.74
C GLY A 19 -9.15 -39.29 33.73
N ALA A 20 -9.69 -40.25 32.97
CA ALA A 20 -8.89 -40.95 31.97
C ALA A 20 -8.63 -40.01 30.78
N ASP A 21 -7.81 -40.41 29.82
CA ASP A 21 -7.59 -39.56 28.67
C ASP A 21 -8.75 -39.81 27.72
N ILE A 22 -8.97 -38.94 26.74
CA ILE A 22 -10.09 -39.05 25.81
C ILE A 22 -9.81 -38.25 24.55
N THR A 23 -10.41 -38.63 23.43
CA THR A 23 -10.28 -37.86 22.20
C THR A 23 -11.61 -37.11 22.05
N LEU A 24 -11.51 -35.82 21.72
CA LEU A 24 -12.64 -34.94 21.51
C LEU A 24 -12.57 -34.63 20.02
N ASP A 25 -13.72 -34.29 19.45
CA ASP A 25 -13.83 -34.00 18.03
C ASP A 25 -14.87 -32.89 17.93
N ALA A 26 -15.44 -32.54 19.09
CA ALA A 26 -16.48 -31.54 19.17
C ALA A 26 -16.57 -30.92 20.56
N VAL A 27 -16.82 -29.61 20.62
CA VAL A 27 -16.92 -28.90 21.89
C VAL A 27 -18.13 -27.98 21.85
N THR A 28 -18.71 -27.72 23.02
CA THR A 28 -19.87 -26.84 23.12
C THR A 28 -20.10 -26.35 24.53
N THR A 29 -20.82 -25.23 24.61
CA THR A 29 -21.18 -24.57 25.86
C THR A 29 -22.70 -24.69 26.06
N ASP A 30 -23.38 -25.34 25.11
CA ASP A 30 -24.84 -25.45 25.15
C ASP A 30 -25.35 -26.88 25.28
N THR A 31 -26.17 -27.08 26.32
CA THR A 31 -26.78 -28.38 26.63
C THR A 31 -27.66 -28.85 25.47
N ARG A 32 -28.26 -27.88 24.80
CA ARG A 32 -29.13 -28.16 23.66
C ARG A 32 -28.28 -28.50 22.43
N LYS A 33 -26.96 -28.47 22.61
CA LYS A 33 -26.05 -28.76 21.51
C LYS A 33 -25.00 -29.84 21.78
N LEU A 34 -25.30 -30.80 22.65
CA LEU A 34 -24.35 -31.87 22.93
C LEU A 34 -24.25 -32.88 21.77
N THR A 35 -23.07 -33.47 21.62
CA THR A 35 -22.83 -34.48 20.59
C THR A 35 -22.20 -35.62 21.37
N PRO A 36 -22.39 -36.88 20.92
CA PRO A 36 -21.84 -38.07 21.57
C PRO A 36 -20.35 -37.98 21.88
N GLY A 37 -20.01 -37.72 23.15
CA GLY A 37 -18.62 -37.65 23.58
C GLY A 37 -17.91 -36.37 23.26
N CYS A 38 -18.61 -35.27 23.41
CA CYS A 38 -18.06 -33.95 23.14
C CYS A 38 -17.56 -33.36 24.46
N LEU A 39 -16.94 -32.19 24.40
CA LEU A 39 -16.43 -31.50 25.58
C LEU A 39 -17.42 -30.41 25.94
N PHE A 40 -17.98 -30.47 27.14
CA PHE A 40 -18.91 -29.45 27.56
C PHE A 40 -18.14 -28.43 28.38
N VAL A 41 -18.03 -27.21 27.87
CA VAL A 41 -17.34 -26.13 28.56
C VAL A 41 -18.35 -25.49 29.48
N ALA A 42 -18.07 -25.51 30.76
CA ALA A 42 -18.99 -24.90 31.70
C ALA A 42 -18.57 -23.47 31.99
N LEU A 43 -19.20 -22.53 31.30
CA LEU A 43 -18.89 -21.13 31.52
C LEU A 43 -19.73 -20.58 32.65
N LYS A 44 -19.31 -19.46 33.19
CA LYS A 44 -20.09 -18.82 34.22
C LYS A 44 -20.25 -17.36 33.87
N GLY A 45 -21.47 -17.01 33.51
CA GLY A 45 -21.79 -15.63 33.23
C GLY A 45 -22.11 -15.12 34.64
N GLU A 46 -22.79 -13.98 34.74
CA GLU A 46 -23.14 -13.42 36.03
C GLU A 46 -24.41 -14.14 36.53
N ARG A 47 -25.39 -14.19 35.66
CA ARG A 47 -26.67 -14.83 35.95
C ARG A 47 -26.79 -16.29 35.47
N PHE A 48 -25.66 -17.00 35.46
CA PHE A 48 -25.57 -18.41 35.06
C PHE A 48 -24.22 -19.08 35.24
N ASP A 49 -24.16 -20.12 36.08
CA ASP A 49 -22.94 -20.90 36.25
C ASP A 49 -23.25 -22.26 35.61
N ALA A 50 -22.77 -22.46 34.38
CA ALA A 50 -23.01 -23.69 33.66
C ALA A 50 -22.42 -24.94 34.30
N HIS A 51 -21.88 -24.80 35.52
CA HIS A 51 -21.32 -25.92 36.24
C HIS A 51 -22.51 -26.69 36.76
N ASP A 52 -23.57 -25.97 37.15
CA ASP A 52 -24.79 -26.58 37.66
C ASP A 52 -25.52 -27.35 36.58
N PHE A 53 -25.08 -27.19 35.32
CA PHE A 53 -25.66 -27.90 34.19
C PHE A 53 -24.76 -29.07 33.77
N ALA A 54 -23.79 -29.39 34.61
CA ALA A 54 -22.85 -30.46 34.35
C ALA A 54 -23.54 -31.82 34.23
N ASP A 55 -24.39 -32.15 35.22
CA ASP A 55 -25.10 -33.42 35.25
C ASP A 55 -25.95 -33.61 33.99
N GLN A 56 -26.58 -32.51 33.56
CA GLN A 56 -27.40 -32.55 32.36
C GLN A 56 -26.54 -32.84 31.14
N ALA A 57 -25.40 -32.15 31.01
CA ALA A 57 -24.48 -32.38 29.90
C ALA A 57 -24.03 -33.84 29.87
N LYS A 58 -23.86 -34.43 31.05
CA LYS A 58 -23.46 -35.84 31.14
C LYS A 58 -24.59 -36.68 30.58
N ALA A 59 -25.79 -36.42 31.10
CA ALA A 59 -27.00 -37.12 30.70
C ALA A 59 -27.28 -36.95 29.20
N GLY A 60 -26.73 -35.89 28.61
CA GLY A 60 -26.92 -35.64 27.19
C GLY A 60 -25.91 -36.36 26.31
N GLY A 61 -24.88 -36.93 26.95
CA GLY A 61 -23.86 -37.65 26.21
C GLY A 61 -22.53 -36.95 26.12
N ALA A 62 -22.28 -35.96 26.98
CA ALA A 62 -21.01 -35.23 26.98
C ALA A 62 -19.86 -36.13 27.44
N GLY A 63 -18.81 -36.21 26.61
CA GLY A 63 -17.66 -37.05 26.93
C GLY A 63 -16.72 -36.61 28.06
N ALA A 64 -16.66 -35.31 28.34
CA ALA A 64 -15.80 -34.74 29.38
C ALA A 64 -16.27 -33.33 29.68
N LEU A 65 -15.76 -32.73 30.75
CA LEU A 65 -16.16 -31.38 31.11
C LEU A 65 -14.95 -30.46 31.31
N LEU A 66 -14.99 -29.26 30.71
CA LEU A 66 -13.93 -28.26 30.88
C LEU A 66 -14.54 -27.39 31.95
N VAL A 67 -13.97 -27.40 33.15
CA VAL A 67 -14.55 -26.68 34.27
C VAL A 67 -13.48 -26.02 35.16
N SER A 68 -13.89 -25.00 35.92
CA SER A 68 -12.98 -24.25 36.81
C SER A 68 -12.95 -24.72 38.26
N ARG A 69 -13.48 -25.91 38.52
CA ARG A 69 -13.50 -26.52 39.85
C ARG A 69 -13.95 -27.99 39.70
N PRO A 70 -13.56 -28.85 40.64
CA PRO A 70 -13.93 -30.28 40.62
C PRO A 70 -15.43 -30.48 40.87
N LEU A 71 -16.05 -31.39 40.13
CA LEU A 71 -17.48 -31.65 40.28
C LEU A 71 -17.70 -33.13 40.45
N ASP A 72 -18.71 -33.51 41.22
CA ASP A 72 -19.01 -34.94 41.41
C ASP A 72 -19.82 -35.47 40.24
N ILE A 73 -19.18 -35.52 39.08
CA ILE A 73 -19.82 -36.00 37.86
C ILE A 73 -18.85 -37.03 37.31
N ASP A 74 -19.30 -38.26 37.18
CA ASP A 74 -18.48 -39.33 36.67
C ASP A 74 -18.13 -39.07 35.22
N LEU A 75 -17.27 -38.09 35.00
CA LEU A 75 -16.84 -37.69 33.67
C LEU A 75 -15.49 -37.05 33.80
N PRO A 76 -14.56 -37.38 32.87
CA PRO A 76 -13.21 -36.83 32.87
C PRO A 76 -13.29 -35.30 32.90
N GLN A 77 -12.56 -34.71 33.83
CA GLN A 77 -12.58 -33.27 33.98
C GLN A 77 -11.23 -32.60 33.72
N LEU A 78 -11.30 -31.40 33.18
CA LEU A 78 -10.12 -30.62 32.87
C LEU A 78 -10.30 -29.37 33.70
N ILE A 79 -9.68 -29.34 34.87
CA ILE A 79 -9.80 -28.20 35.76
C ILE A 79 -8.79 -27.09 35.38
N VAL A 80 -9.32 -25.95 34.94
CA VAL A 80 -8.51 -24.80 34.54
C VAL A 80 -8.86 -23.66 35.48
N LYS A 81 -7.98 -22.67 35.60
CA LYS A 81 -8.25 -21.51 36.46
C LYS A 81 -9.47 -20.68 36.06
N ASP A 82 -9.61 -20.43 34.76
CA ASP A 82 -10.69 -19.62 34.20
C ASP A 82 -11.20 -20.26 32.92
N THR A 83 -12.50 -20.54 32.85
CA THR A 83 -13.08 -21.17 31.67
C THR A 83 -13.31 -20.27 30.46
N ARG A 84 -13.58 -18.99 30.73
CA ARG A 84 -13.81 -17.98 29.70
C ARG A 84 -12.52 -17.94 28.87
N LEU A 85 -11.40 -17.85 29.57
CA LEU A 85 -10.09 -17.79 28.97
C LEU A 85 -9.76 -19.08 28.26
N ALA A 86 -9.93 -20.20 28.95
CA ALA A 86 -9.62 -21.52 28.37
C ALA A 86 -10.39 -21.81 27.08
N PHE A 87 -11.63 -21.34 27.03
CA PHE A 87 -12.49 -21.53 25.86
C PHE A 87 -11.86 -20.77 24.70
N GLY A 88 -11.49 -19.51 24.96
CA GLY A 88 -10.85 -18.70 23.94
C GLY A 88 -9.54 -19.34 23.56
N GLU A 89 -8.76 -19.76 24.54
CA GLU A 89 -7.49 -20.39 24.27
C GLU A 89 -7.60 -21.65 23.41
N LEU A 90 -8.61 -22.47 23.70
CA LEU A 90 -8.84 -23.70 22.92
C LEU A 90 -9.14 -23.33 21.46
N ALA A 91 -9.87 -22.23 21.28
CA ALA A 91 -10.26 -21.72 19.95
C ALA A 91 -9.06 -21.20 19.19
N ALA A 92 -8.18 -20.55 19.94
CA ALA A 92 -6.93 -20.02 19.42
C ALA A 92 -6.13 -21.18 18.85
N TRP A 93 -5.96 -22.20 19.68
CA TRP A 93 -5.23 -23.40 19.32
C TRP A 93 -5.83 -24.03 18.07
N VAL A 94 -7.14 -24.26 18.06
CA VAL A 94 -7.75 -24.85 16.88
C VAL A 94 -7.46 -24.04 15.62
N ARG A 95 -7.56 -22.73 15.71
CA ARG A 95 -7.32 -21.90 14.54
C ARG A 95 -5.91 -22.09 13.98
N GLN A 96 -4.93 -22.31 14.86
CA GLN A 96 -3.55 -22.49 14.43
C GLN A 96 -3.36 -23.82 13.71
N GLN A 97 -4.22 -24.78 14.02
CA GLN A 97 -4.11 -26.11 13.43
C GLN A 97 -4.65 -26.27 12.01
N VAL A 98 -5.47 -25.32 11.53
CA VAL A 98 -6.04 -25.41 10.18
C VAL A 98 -5.37 -24.49 9.18
N PRO A 99 -5.43 -24.83 7.88
CA PRO A 99 -4.83 -24.04 6.79
C PRO A 99 -5.63 -22.85 6.19
N ALA A 100 -6.82 -22.59 6.73
CA ALA A 100 -7.71 -21.53 6.25
C ALA A 100 -7.13 -20.11 6.28
N ARG A 101 -7.36 -19.33 5.22
CA ARG A 101 -6.89 -17.94 5.19
C ARG A 101 -7.89 -17.22 6.09
N VAL A 102 -7.44 -16.83 7.27
CA VAL A 102 -8.31 -16.16 8.23
C VAL A 102 -8.15 -14.66 8.11
N VAL A 103 -9.29 -13.99 8.04
CA VAL A 103 -9.36 -12.55 7.88
C VAL A 103 -10.39 -12.03 8.91
N ALA A 104 -10.20 -10.82 9.44
CA ALA A 104 -11.11 -10.25 10.45
C ALA A 104 -11.55 -8.81 10.18
N LEU A 105 -12.63 -8.39 10.84
CA LEU A 105 -13.18 -7.05 10.67
C LEU A 105 -13.97 -6.53 11.87
N THR A 106 -14.01 -5.21 12.01
CA THR A 106 -14.76 -4.55 13.08
C THR A 106 -15.30 -3.25 12.50
N GLY A 107 -15.84 -2.39 13.37
CA GLY A 107 -16.37 -1.11 12.95
C GLY A 107 -17.53 -0.72 13.84
N SER A 108 -18.10 0.46 13.62
CA SER A 108 -19.23 0.92 14.40
C SER A 108 -20.50 0.56 13.64
N SER A 109 -20.41 0.55 12.32
CA SER A 109 -21.55 0.20 11.48
C SER A 109 -21.07 -0.58 10.25
N GLY A 110 -21.94 -1.44 9.72
CA GLY A 110 -21.61 -2.22 8.55
C GLY A 110 -20.80 -3.51 8.75
N LYS A 111 -20.58 -3.91 9.99
CA LYS A 111 -19.80 -5.12 10.22
C LYS A 111 -20.44 -6.31 9.52
N THR A 112 -21.75 -6.42 9.63
CA THR A 112 -22.47 -7.54 9.01
C THR A 112 -22.50 -7.56 7.47
N SER A 113 -22.63 -6.39 6.84
CA SER A 113 -22.66 -6.37 5.39
C SER A 113 -21.27 -6.53 4.80
N VAL A 114 -20.25 -5.99 5.46
CA VAL A 114 -18.90 -6.16 4.95
C VAL A 114 -18.52 -7.63 5.10
N LYS A 115 -18.92 -8.24 6.22
CA LYS A 115 -18.67 -9.65 6.50
C LYS A 115 -19.29 -10.52 5.41
N GLU A 116 -20.59 -10.32 5.21
CA GLU A 116 -21.37 -11.05 4.22
C GLU A 116 -20.91 -10.86 2.80
N MSE A 117 -20.44 -9.66 2.47
CA MSE A 117 -19.94 -9.39 1.13
C MSE A 117 -18.58 -10.06 0.99
O MSE A 117 -18.27 -10.65 -0.06
CB MSE A 117 -19.83 -7.89 0.87
CG MSE A 117 -21.14 -7.22 0.57
SE MSE A 117 -20.93 -5.28 0.48
CE MSE A 117 -22.28 -4.75 1.78
N THR A 118 -17.76 -9.99 2.04
CA THR A 118 -16.45 -10.63 1.98
C THR A 118 -16.64 -12.15 1.86
N ALA A 119 -17.54 -12.70 2.67
CA ALA A 119 -17.80 -14.14 2.62
C ALA A 119 -18.37 -14.54 1.25
N ALA A 120 -19.26 -13.72 0.69
CA ALA A 120 -19.86 -13.98 -0.62
C ALA A 120 -18.83 -14.06 -1.76
N ILE A 121 -17.81 -13.22 -1.67
CA ILE A 121 -16.75 -13.16 -2.67
C ILE A 121 -15.78 -14.33 -2.51
N LEU A 122 -15.30 -14.56 -1.29
CA LEU A 122 -14.36 -15.64 -1.07
C LEU A 122 -14.97 -17.02 -1.38
N SER A 123 -16.30 -17.11 -1.30
CA SER A 123 -17.04 -18.36 -1.58
C SER A 123 -16.86 -18.76 -3.03
N GLN A 124 -16.53 -17.79 -3.87
CA GLN A 124 -16.31 -18.02 -5.30
C GLN A 124 -14.92 -18.61 -5.47
N CYS A 125 -14.09 -18.40 -4.44
CA CYS A 125 -12.71 -18.88 -4.41
C CYS A 125 -12.50 -20.25 -3.81
N GLY A 126 -13.24 -20.56 -2.75
CA GLY A 126 -13.10 -21.84 -2.11
C GLY A 126 -14.05 -21.90 -0.94
N ASN A 127 -14.02 -23.02 -0.22
CA ASN A 127 -14.88 -23.26 0.93
C ASN A 127 -14.69 -22.20 2.04
N THR A 128 -15.70 -21.37 2.28
CA THR A 128 -15.53 -20.34 3.32
C THR A 128 -16.50 -20.30 4.51
N LEU A 129 -15.93 -19.97 5.67
CA LEU A 129 -16.65 -19.89 6.94
C LEU A 129 -16.70 -18.45 7.41
N TYR A 130 -17.86 -18.01 7.88
CA TYR A 130 -17.95 -16.66 8.40
C TYR A 130 -18.74 -16.67 9.70
N THR A 131 -18.56 -15.62 10.49
CA THR A 131 -19.25 -15.49 11.76
C THR A 131 -20.75 -15.58 11.57
N ALA A 132 -21.39 -16.30 12.47
CA ALA A 132 -22.84 -16.49 12.44
C ALA A 132 -23.51 -15.43 13.30
N GLY A 133 -24.48 -14.73 12.72
CA GLY A 133 -25.18 -13.71 13.46
C GLY A 133 -24.25 -12.63 13.97
N ASN A 134 -24.35 -12.32 15.26
CA ASN A 134 -23.52 -11.30 15.88
C ASN A 134 -22.69 -11.87 16.99
N LEU A 135 -22.07 -13.01 16.70
CA LEU A 135 -21.23 -13.71 17.65
C LEU A 135 -19.81 -13.17 17.48
N ASN A 136 -19.61 -11.97 18.01
CA ASN A 136 -18.34 -11.28 17.89
C ASN A 136 -17.69 -10.90 19.19
N ASN A 137 -18.20 -11.41 20.31
CA ASN A 137 -17.59 -11.12 21.60
C ASN A 137 -16.63 -12.22 22.06
N ASP A 138 -16.22 -12.18 23.32
CA ASP A 138 -15.29 -13.15 23.87
C ASP A 138 -15.83 -14.59 23.90
N ILE A 139 -17.14 -14.75 23.75
CA ILE A 139 -17.76 -16.07 23.71
C ILE A 139 -18.05 -16.45 22.27
N GLY A 140 -18.56 -15.49 21.52
CA GLY A 140 -18.89 -15.75 20.13
C GLY A 140 -17.73 -16.01 19.18
N VAL A 141 -16.61 -15.32 19.40
CA VAL A 141 -15.44 -15.50 18.55
C VAL A 141 -14.93 -16.92 18.74
N PRO A 142 -14.70 -17.35 20.00
CA PRO A 142 -14.22 -18.71 20.23
C PRO A 142 -15.14 -19.71 19.56
N MSE A 143 -16.44 -19.49 19.70
CA MSE A 143 -17.45 -20.36 19.09
C MSE A 143 -17.27 -20.42 17.58
O MSE A 143 -17.36 -21.48 16.98
CB MSE A 143 -18.87 -19.84 19.40
CG MSE A 143 -19.28 -19.94 20.85
SE MSE A 143 -21.06 -19.24 21.09
CE MSE A 143 -21.92 -20.45 19.79
N THR A 144 -17.05 -19.24 16.99
CA THR A 144 -16.85 -19.14 15.55
C THR A 144 -15.57 -19.83 15.13
N LEU A 145 -14.49 -19.53 15.84
CA LEU A 145 -13.19 -20.10 15.54
C LEU A 145 -13.17 -21.61 15.71
N LEU A 146 -13.85 -22.10 16.75
CA LEU A 146 -13.94 -23.53 17.04
C LEU A 146 -14.64 -24.36 15.94
N ARG A 147 -15.31 -23.69 15.01
CA ARG A 147 -16.01 -24.37 13.94
C ARG A 147 -15.09 -24.68 12.79
N LEU A 148 -13.83 -24.29 12.91
CA LEU A 148 -12.86 -24.52 11.85
C LEU A 148 -12.49 -25.98 11.65
N THR A 149 -12.15 -26.32 10.41
CA THR A 149 -11.75 -27.67 10.01
C THR A 149 -10.74 -27.52 8.89
N PRO A 150 -9.94 -28.57 8.59
CA PRO A 150 -8.94 -28.49 7.53
C PRO A 150 -9.56 -28.28 6.15
N GLU A 151 -10.87 -28.54 6.05
CA GLU A 151 -11.62 -28.38 4.80
C GLU A 151 -11.95 -26.93 4.44
N TYR A 152 -11.86 -26.02 5.41
CA TYR A 152 -12.15 -24.63 5.11
C TYR A 152 -10.96 -24.00 4.40
N ASP A 153 -11.26 -23.16 3.42
CA ASP A 153 -10.24 -22.47 2.66
C ASP A 153 -10.07 -21.04 3.13
N TYR A 154 -11.16 -20.42 3.58
CA TYR A 154 -11.11 -19.04 4.04
C TYR A 154 -11.98 -18.94 5.26
N ALA A 155 -11.79 -17.90 6.05
CA ALA A 155 -12.59 -17.69 7.25
C ALA A 155 -12.71 -16.20 7.53
N VAL A 156 -13.94 -15.70 7.57
CA VAL A 156 -14.19 -14.29 7.83
C VAL A 156 -14.72 -14.09 9.26
N ILE A 157 -13.84 -13.66 10.14
CA ILE A 157 -14.16 -13.44 11.53
C ILE A 157 -14.53 -12.00 11.91
N GLU A 158 -15.80 -11.78 12.26
CA GLU A 158 -16.27 -10.46 12.68
C GLU A 158 -16.00 -10.30 14.16
N LEU A 159 -15.40 -9.16 14.53
CA LEU A 159 -15.06 -8.88 15.92
C LEU A 159 -15.81 -7.64 16.39
N GLY A 160 -16.45 -7.74 17.54
CA GLY A 160 -17.19 -6.62 18.07
C GLY A 160 -16.55 -6.19 19.37
N ALA A 161 -16.93 -5.03 19.87
CA ALA A 161 -16.37 -4.49 21.10
C ALA A 161 -17.37 -3.56 21.72
N ASN A 162 -17.39 -3.56 23.04
CA ASN A 162 -18.28 -2.71 23.81
C ASN A 162 -17.42 -1.85 24.70
N HIS A 163 -16.33 -2.44 25.19
CA HIS A 163 -15.42 -1.71 26.05
C HIS A 163 -14.03 -1.93 25.47
N GLN A 164 -13.01 -1.31 26.05
CA GLN A 164 -11.67 -1.49 25.52
C GLN A 164 -11.07 -2.78 26.07
N GLY A 165 -10.07 -3.29 25.36
CA GLY A 165 -9.45 -4.53 25.79
C GLY A 165 -10.10 -5.73 25.13
N GLU A 166 -11.39 -5.60 24.84
CA GLU A 166 -12.15 -6.67 24.24
C GLU A 166 -11.68 -7.15 22.87
N ILE A 167 -11.48 -6.25 21.92
CA ILE A 167 -11.00 -6.67 20.61
C ILE A 167 -9.57 -7.20 20.71
N ALA A 168 -8.74 -6.60 21.57
CA ALA A 168 -7.37 -7.05 21.77
C ALA A 168 -7.34 -8.54 22.08
N TRP A 169 -8.25 -8.97 22.95
CA TRP A 169 -8.34 -10.38 23.32
C TRP A 169 -8.70 -11.25 22.14
N THR A 170 -9.82 -10.94 21.49
CA THR A 170 -10.32 -11.74 20.38
C THR A 170 -9.43 -11.83 19.14
N VAL A 171 -8.70 -10.76 18.79
CA VAL A 171 -7.80 -10.84 17.64
C VAL A 171 -6.58 -11.68 18.00
N SER A 172 -6.24 -11.74 19.28
CA SER A 172 -5.09 -12.53 19.68
C SER A 172 -5.44 -13.99 19.41
N LEU A 173 -6.70 -14.33 19.61
CA LEU A 173 -7.17 -15.69 19.35
C LEU A 173 -7.23 -15.97 17.86
N THR A 174 -7.83 -15.04 17.14
CA THR A 174 -8.04 -15.09 15.70
C THR A 174 -6.81 -15.03 14.82
N ARG A 175 -5.84 -14.19 15.21
CA ARG A 175 -4.58 -13.98 14.49
C ARG A 175 -4.83 -13.93 12.98
N PRO A 176 -5.62 -12.94 12.52
CA PRO A 176 -5.94 -12.77 11.11
C PRO A 176 -4.81 -12.24 10.23
N GLU A 177 -4.80 -12.65 8.97
CA GLU A 177 -3.80 -12.21 8.00
C GLU A 177 -4.04 -10.77 7.58
N ALA A 178 -5.28 -10.34 7.72
CA ALA A 178 -5.68 -8.98 7.36
C ALA A 178 -6.76 -8.60 8.35
N ALA A 179 -6.76 -7.35 8.78
CA ALA A 179 -7.76 -6.87 9.72
C ALA A 179 -8.34 -5.56 9.21
N LEU A 180 -9.65 -5.35 9.37
CA LEU A 180 -10.30 -4.14 8.90
C LEU A 180 -11.22 -3.42 9.90
N VAL A 181 -11.13 -2.10 9.91
CA VAL A 181 -12.02 -1.27 10.74
C VAL A 181 -12.85 -0.51 9.69
N ASN A 182 -14.13 -0.85 9.57
CA ASN A 182 -15.02 -0.26 8.59
C ASN A 182 -15.31 1.20 8.83
N ASN A 183 -15.45 1.60 10.09
CA ASN A 183 -15.75 3.00 10.41
C ASN A 183 -15.84 3.27 11.91
N LEU A 184 -15.92 4.55 12.25
CA LEU A 184 -16.01 5.05 13.62
C LEU A 184 -17.24 5.96 13.72
N ALA A 185 -17.86 5.99 14.89
CA ALA A 185 -19.05 6.83 15.11
C ALA A 185 -19.35 6.92 16.60
N SER A 194 -15.93 8.69 24.83
CA SER A 194 -16.27 9.43 23.58
C SER A 194 -15.66 8.73 22.36
N LEU A 195 -15.90 9.29 21.18
CA LEU A 195 -15.40 8.74 19.92
C LEU A 195 -13.94 8.24 19.97
N ALA A 196 -13.02 9.00 20.58
CA ALA A 196 -11.62 8.55 20.66
C ALA A 196 -11.51 7.18 21.29
N GLY A 197 -12.33 6.94 22.33
CA GLY A 197 -12.33 5.66 23.02
C GLY A 197 -12.79 4.52 22.15
N VAL A 198 -13.76 4.78 21.26
CA VAL A 198 -14.22 3.75 20.37
C VAL A 198 -13.13 3.54 19.33
N ALA A 199 -12.45 4.62 18.92
CA ALA A 199 -11.40 4.53 17.94
C ALA A 199 -10.26 3.68 18.50
N LYS A 200 -9.93 3.93 19.76
CA LYS A 200 -8.87 3.21 20.45
C LYS A 200 -9.20 1.71 20.44
N ALA A 201 -10.43 1.38 20.81
CA ALA A 201 -10.90 0.01 20.85
C ALA A 201 -10.80 -0.68 19.48
N LYS A 202 -11.51 -0.16 18.48
CA LYS A 202 -11.47 -0.77 17.14
C LYS A 202 -10.02 -0.83 16.62
N GLY A 203 -9.19 0.14 16.98
CA GLY A 203 -7.81 0.16 16.53
C GLY A 203 -7.04 -1.05 17.00
N GLU A 204 -7.51 -1.64 18.09
CA GLU A 204 -6.89 -2.82 18.67
C GLU A 204 -6.83 -3.99 17.67
N ILE A 205 -7.78 -4.03 16.74
CA ILE A 205 -7.82 -5.11 15.79
C ILE A 205 -6.51 -5.29 15.03
N PHE A 206 -5.76 -4.21 14.84
CA PHE A 206 -4.50 -4.30 14.10
C PHE A 206 -3.37 -5.03 14.83
N SER A 207 -3.51 -5.20 16.14
CA SER A 207 -2.48 -5.87 16.93
C SER A 207 -2.36 -7.38 16.70
N GLY A 208 -3.34 -7.97 16.04
CA GLY A 208 -3.29 -9.39 15.80
C GLY A 208 -2.74 -9.80 14.46
N LEU A 209 -2.29 -8.82 13.70
CA LEU A 209 -1.75 -9.09 12.37
C LEU A 209 -0.31 -9.60 12.38
N PRO A 210 0.00 -10.53 11.50
CA PRO A 210 1.38 -11.01 11.47
C PRO A 210 2.21 -9.92 10.78
N GLU A 211 3.53 -10.07 10.78
CA GLU A 211 4.42 -9.11 10.17
C GLU A 211 4.18 -8.91 8.69
N ASN A 212 3.56 -9.90 8.06
CA ASN A 212 3.27 -9.82 6.63
C ASN A 212 1.80 -9.49 6.44
N GLY A 213 1.13 -9.16 7.54
CA GLY A 213 -0.27 -8.82 7.49
C GLY A 213 -0.58 -7.48 6.84
N ILE A 214 -1.84 -7.33 6.43
CA ILE A 214 -2.35 -6.13 5.79
C ILE A 214 -3.38 -5.45 6.67
N ALA A 215 -3.14 -4.19 7.02
CA ALA A 215 -4.08 -3.38 7.79
C ALA A 215 -4.93 -2.59 6.74
N ILE A 216 -6.25 -2.69 6.86
CA ILE A 216 -7.18 -2.04 5.94
C ILE A 216 -8.06 -1.10 6.74
N MSE A 217 -8.26 0.12 6.24
CA MSE A 217 -9.11 1.05 6.96
C MSE A 217 -9.82 1.97 5.99
O MSE A 217 -9.56 1.97 4.78
CB MSE A 217 -8.33 1.84 8.02
CG MSE A 217 -7.21 2.72 7.47
SE MSE A 217 -5.87 3.29 8.81
CE MSE A 217 -4.51 2.77 7.71
N ASN A 218 -10.78 2.71 6.52
CA ASN A 218 -11.55 3.60 5.68
C ASN A 218 -10.85 4.92 5.50
N ALA A 219 -10.61 5.28 4.24
CA ALA A 219 -9.92 6.53 3.95
C ALA A 219 -10.73 7.71 4.49
N ASP A 220 -12.05 7.59 4.41
CA ASP A 220 -12.96 8.65 4.84
C ASP A 220 -13.36 8.62 6.30
N ASN A 221 -12.84 7.66 7.05
CA ASN A 221 -13.23 7.56 8.45
C ASN A 221 -12.32 6.60 9.20
N ASN A 222 -11.28 7.15 9.81
CA ASN A 222 -10.33 6.34 10.54
C ASN A 222 -9.57 7.16 11.57
N ASP A 223 -8.57 6.55 12.20
CA ASP A 223 -7.75 7.23 13.17
C ASP A 223 -6.30 6.83 12.94
N TRP A 224 -5.88 6.93 11.69
CA TRP A 224 -4.52 6.60 11.28
C TRP A 224 -3.51 7.22 12.19
N LEU A 225 -3.76 8.47 12.60
CA LEU A 225 -2.82 9.15 13.48
C LEU A 225 -2.35 8.27 14.66
N ASN A 226 -3.29 7.59 15.29
CA ASN A 226 -2.96 6.71 16.41
C ASN A 226 -2.79 5.26 15.98
N TRP A 227 -3.56 4.82 14.99
CA TRP A 227 -3.48 3.46 14.52
C TRP A 227 -2.11 3.09 13.96
N GLN A 228 -1.37 4.08 13.46
CA GLN A 228 -0.03 3.83 12.92
C GLN A 228 0.96 3.28 13.99
N SER A 229 0.70 3.56 15.27
CA SER A 229 1.55 3.07 16.35
C SER A 229 1.30 1.60 16.64
N VAL A 230 0.17 1.08 16.16
CA VAL A 230 -0.14 -0.33 16.36
C VAL A 230 -0.03 -1.10 15.04
N ILE A 231 -0.29 -0.45 13.90
CA ILE A 231 -0.14 -1.19 12.66
C ILE A 231 1.37 -1.29 12.37
N GLY A 232 2.15 -0.34 12.91
CA GLY A 232 3.60 -0.33 12.73
C GLY A 232 4.04 -0.13 11.29
N SER A 233 4.90 -1.00 10.79
CA SER A 233 5.39 -0.90 9.42
C SER A 233 4.66 -1.87 8.49
N ARG A 234 3.56 -2.45 8.95
CA ARG A 234 2.84 -3.41 8.13
C ARG A 234 2.28 -2.73 6.91
N LYS A 235 1.92 -3.54 5.91
CA LYS A 235 1.33 -3.05 4.68
C LYS A 235 0.03 -2.41 5.07
N VAL A 236 -0.41 -1.42 4.32
CA VAL A 236 -1.65 -0.74 4.65
C VAL A 236 -2.47 -0.57 3.40
N TRP A 237 -3.77 -0.82 3.52
CA TRP A 237 -4.67 -0.64 2.40
C TRP A 237 -5.81 0.25 2.88
N ARG A 238 -6.24 1.14 2.01
CA ARG A 238 -7.32 2.06 2.30
C ARG A 238 -8.39 1.96 1.22
N PHE A 239 -9.65 2.00 1.64
CA PHE A 239 -10.74 1.96 0.68
C PHE A 239 -11.59 3.24 0.82
N SER A 240 -12.19 3.62 -0.28
CA SER A 240 -13.04 4.79 -0.37
C SER A 240 -13.34 4.99 -1.86
N PRO A 241 -14.58 5.40 -2.20
CA PRO A 241 -15.01 5.62 -3.58
C PRO A 241 -14.12 6.57 -4.38
N ASN A 242 -13.60 7.61 -3.72
CA ASN A 242 -12.78 8.59 -4.42
C ASN A 242 -11.69 9.28 -3.62
N ALA A 243 -11.42 8.80 -2.40
CA ALA A 243 -10.39 9.42 -1.58
C ALA A 243 -9.08 9.41 -2.36
N ALA A 244 -8.28 10.46 -2.16
CA ALA A 244 -7.01 10.60 -2.85
C ALA A 244 -6.03 9.48 -2.50
N ASN A 245 -6.04 9.06 -1.24
CA ASN A 245 -5.14 8.03 -0.77
C ASN A 245 -5.80 6.64 -0.77
N SER A 246 -6.88 6.48 -1.52
CA SER A 246 -7.60 5.20 -1.57
C SER A 246 -6.98 4.19 -2.53
N ASP A 247 -6.96 2.93 -2.11
CA ASP A 247 -6.41 1.82 -2.89
C ASP A 247 -7.53 1.09 -3.60
N PHE A 248 -8.73 1.13 -3.00
CA PHE A 248 -9.95 0.53 -3.54
C PHE A 248 -10.93 1.66 -3.81
N THR A 249 -11.10 1.93 -5.10
CA THR A 249 -11.89 3.02 -5.65
C THR A 249 -13.16 2.59 -6.42
N ALA A 250 -14.07 3.55 -6.60
CA ALA A 250 -15.30 3.30 -7.33
C ALA A 250 -15.56 4.44 -8.31
N THR A 251 -15.57 4.13 -9.61
CA THR A 251 -15.83 5.13 -10.65
C THR A 251 -16.97 4.64 -11.53
N ASN A 252 -17.42 5.51 -12.43
CA ASN A 252 -18.51 5.26 -13.35
C ASN A 252 -19.72 4.74 -12.60
N ILE A 253 -20.02 5.36 -11.46
CA ILE A 253 -21.16 4.94 -10.66
C ILE A 253 -22.43 5.32 -11.40
N HIS A 254 -23.14 4.32 -11.86
CA HIS A 254 -24.37 4.52 -12.57
C HIS A 254 -25.43 3.70 -11.85
N VAL A 255 -26.39 4.37 -11.22
CA VAL A 255 -27.46 3.65 -10.54
C VAL A 255 -28.49 3.18 -11.59
N THR A 256 -28.93 1.94 -11.44
CA THR A 256 -29.85 1.28 -12.36
C THR A 256 -31.07 0.74 -11.60
N SER A 257 -32.11 0.34 -12.32
CA SER A 257 -33.32 -0.22 -11.70
C SER A 257 -33.00 -1.46 -10.87
N HIS A 258 -31.87 -2.09 -11.16
CA HIS A 258 -31.44 -3.28 -10.46
C HIS A 258 -30.59 -2.89 -9.25
N GLY A 259 -29.43 -2.31 -9.51
CA GLY A 259 -28.55 -1.88 -8.44
C GLY A 259 -27.58 -0.85 -9.00
N THR A 260 -26.44 -0.74 -8.35
CA THR A 260 -25.43 0.21 -8.78
C THR A 260 -24.34 -0.43 -9.61
N GLU A 261 -24.15 0.08 -10.81
CA GLU A 261 -23.10 -0.41 -11.68
C GLU A 261 -21.89 0.50 -11.49
N PHE A 262 -20.69 -0.07 -11.46
CA PHE A 262 -19.50 0.75 -11.31
C PHE A 262 -18.19 0.05 -11.57
N THR A 263 -17.16 0.82 -11.86
CA THR A 263 -15.86 0.25 -12.11
C THR A 263 -15.13 0.24 -10.78
N LEU A 264 -14.89 -0.98 -10.29
CA LEU A 264 -14.21 -1.22 -9.02
C LEU A 264 -12.71 -1.26 -9.32
N GLN A 265 -11.96 -0.31 -8.77
CA GLN A 265 -10.54 -0.24 -9.04
C GLN A 265 -9.73 -0.64 -7.84
N THR A 266 -9.10 -1.81 -7.97
CA THR A 266 -8.28 -2.44 -6.95
C THR A 266 -6.82 -2.37 -7.37
N PRO A 267 -5.89 -2.65 -6.44
CA PRO A 267 -4.45 -2.61 -6.76
C PRO A 267 -3.97 -3.48 -7.95
N THR A 268 -4.79 -4.42 -8.43
CA THR A 268 -4.40 -5.28 -9.55
C THR A 268 -5.11 -4.97 -10.87
N GLY A 269 -6.07 -4.06 -10.82
CA GLY A 269 -6.81 -3.71 -12.02
C GLY A 269 -8.25 -3.40 -11.67
N SER A 270 -9.10 -3.26 -12.69
CA SER A 270 -10.49 -2.93 -12.48
C SER A 270 -11.46 -3.88 -13.14
N VAL A 271 -12.67 -3.91 -12.58
CA VAL A 271 -13.77 -4.70 -13.11
C VAL A 271 -15.04 -3.94 -12.85
N ASP A 272 -15.84 -3.87 -13.91
CA ASP A 272 -17.13 -3.21 -13.85
C ASP A 272 -18.02 -4.24 -13.18
N VAL A 273 -18.56 -3.86 -12.03
CA VAL A 273 -19.44 -4.73 -11.26
C VAL A 273 -20.84 -4.18 -11.17
N LEU A 274 -21.74 -5.02 -10.68
CA LEU A 274 -23.13 -4.65 -10.46
C LEU A 274 -23.37 -5.01 -9.00
N LEU A 275 -23.65 -3.99 -8.21
CA LEU A 275 -23.92 -4.15 -6.79
C LEU A 275 -25.46 -4.08 -6.64
N PRO A 276 -26.12 -5.24 -6.53
CA PRO A 276 -27.58 -5.28 -6.42
C PRO A 276 -28.24 -4.83 -5.11
N LEU A 277 -27.73 -3.77 -4.48
CA LEU A 277 -28.38 -3.30 -3.26
C LEU A 277 -28.58 -1.80 -3.38
N PRO A 278 -29.81 -1.30 -3.18
CA PRO A 278 -30.01 0.15 -3.27
C PRO A 278 -29.21 0.84 -2.18
N GLY A 279 -28.78 2.07 -2.44
CA GLY A 279 -28.01 2.81 -1.46
C GLY A 279 -26.55 2.98 -1.83
N ARG A 280 -26.10 4.24 -1.90
CA ARG A 280 -24.71 4.52 -2.24
C ARG A 280 -23.75 4.00 -1.17
N HIS A 281 -24.25 3.96 0.07
CA HIS A 281 -23.47 3.50 1.20
C HIS A 281 -22.99 2.08 1.07
N ASN A 282 -23.64 1.30 0.22
CA ASN A 282 -23.24 -0.08 0.01
C ASN A 282 -22.02 -0.14 -0.88
N ILE A 283 -21.78 0.91 -1.65
CA ILE A 283 -20.61 0.98 -2.51
C ILE A 283 -19.32 0.92 -1.65
N ALA A 284 -19.31 1.63 -0.54
CA ALA A 284 -18.14 1.64 0.35
C ALA A 284 -17.92 0.26 0.94
N ASN A 285 -19.01 -0.34 1.43
CA ASN A 285 -18.94 -1.66 2.01
C ASN A 285 -18.33 -2.61 1.00
N ALA A 286 -18.79 -2.53 -0.24
CA ALA A 286 -18.28 -3.38 -1.31
C ALA A 286 -16.78 -3.19 -1.52
N LEU A 287 -16.29 -1.98 -1.23
CA LEU A 287 -14.86 -1.69 -1.40
C LEU A 287 -14.08 -2.32 -0.25
N ALA A 288 -14.62 -2.23 0.96
CA ALA A 288 -14.01 -2.83 2.13
C ALA A 288 -13.93 -4.32 1.89
N ALA A 289 -15.06 -4.90 1.50
CA ALA A 289 -15.17 -6.33 1.22
C ALA A 289 -14.20 -6.76 0.13
N ALA A 290 -14.03 -5.93 -0.90
CA ALA A 290 -13.11 -6.25 -1.98
C ALA A 290 -11.69 -6.26 -1.43
N ALA A 291 -11.39 -5.31 -0.56
CA ALA A 291 -10.07 -5.21 0.05
C ALA A 291 -9.81 -6.44 0.91
N LEU A 292 -10.75 -6.77 1.79
CA LEU A 292 -10.57 -7.91 2.67
C LEU A 292 -10.37 -9.17 1.86
N SER A 293 -11.24 -9.39 0.87
CA SER A 293 -11.16 -10.56 0.02
C SER A 293 -9.82 -10.70 -0.70
N MSE A 294 -9.39 -9.61 -1.31
CA MSE A 294 -8.15 -9.60 -2.06
C MSE A 294 -6.92 -9.82 -1.19
O MSE A 294 -5.95 -10.41 -1.66
CB MSE A 294 -8.03 -8.29 -2.85
CG MSE A 294 -7.17 -8.40 -4.08
SE MSE A 294 -7.42 -6.99 -5.34
CE MSE A 294 -6.13 -6.09 -4.74
N SER A 295 -6.95 -9.36 0.07
CA SER A 295 -5.80 -9.55 0.97
C SER A 295 -5.45 -11.02 1.09
N VAL A 296 -6.45 -11.88 0.98
CA VAL A 296 -6.23 -13.31 1.03
C VAL A 296 -6.41 -14.03 -0.32
N GLY A 297 -6.18 -13.30 -1.40
CA GLY A 297 -6.25 -13.92 -2.72
C GLY A 297 -7.38 -13.72 -3.71
N ALA A 298 -8.55 -13.27 -3.28
CA ALA A 298 -9.66 -13.11 -4.21
C ALA A 298 -9.25 -12.39 -5.51
N THR A 299 -9.80 -12.86 -6.62
CA THR A 299 -9.52 -12.26 -7.92
C THR A 299 -10.66 -11.29 -8.29
N LEU A 300 -10.39 -10.38 -9.23
CA LEU A 300 -11.41 -9.42 -9.65
C LEU A 300 -12.68 -10.16 -10.03
N ASP A 301 -12.53 -11.23 -10.80
CA ASP A 301 -13.66 -12.08 -11.23
C ASP A 301 -14.43 -12.63 -10.06
N ALA A 302 -13.72 -12.93 -8.98
CA ALA A 302 -14.33 -13.46 -7.78
C ALA A 302 -15.12 -12.38 -7.07
N ILE A 303 -14.60 -11.16 -7.11
CA ILE A 303 -15.26 -10.02 -6.47
C ILE A 303 -16.56 -9.67 -7.20
N LYS A 304 -16.48 -9.55 -8.51
CA LYS A 304 -17.65 -9.24 -9.32
C LYS A 304 -18.78 -10.24 -9.10
N ALA A 305 -18.44 -11.53 -9.14
CA ALA A 305 -19.42 -12.60 -8.95
C ALA A 305 -19.95 -12.70 -7.52
N GLY A 306 -19.09 -12.34 -6.55
CA GLY A 306 -19.48 -12.37 -5.16
C GLY A 306 -20.52 -11.30 -4.85
N LEU A 307 -20.25 -10.08 -5.32
CA LEU A 307 -21.16 -8.95 -5.12
C LEU A 307 -22.50 -9.18 -5.82
N ALA A 308 -22.44 -9.67 -7.06
CA ALA A 308 -23.60 -9.93 -7.91
C ALA A 308 -24.76 -10.75 -7.33
N ASN A 309 -24.51 -11.49 -6.25
CA ASN A 309 -25.57 -12.31 -5.68
C ASN A 309 -25.96 -11.93 -4.27
N LEU A 310 -25.72 -10.67 -3.91
CA LEU A 310 -26.08 -10.20 -2.58
C LEU A 310 -27.59 -10.03 -2.52
N LYS A 311 -28.17 -10.23 -1.33
CA LYS A 311 -29.62 -10.13 -1.14
C LYS A 311 -29.85 -9.17 0.03
N ALA A 312 -30.78 -8.24 -0.11
CA ALA A 312 -31.03 -7.28 0.96
C ALA A 312 -31.86 -7.82 2.12
N VAL A 313 -31.83 -7.12 3.26
CA VAL A 313 -32.61 -7.53 4.44
C VAL A 313 -33.98 -6.89 4.33
N PRO A 314 -35.04 -7.70 4.31
CA PRO A 314 -36.41 -7.19 4.22
C PRO A 314 -36.67 -6.04 5.19
N GLY A 315 -37.27 -4.98 4.65
CA GLY A 315 -37.59 -3.79 5.45
C GLY A 315 -36.47 -2.77 5.51
N ARG A 316 -35.36 -3.08 4.84
CA ARG A 316 -34.20 -2.21 4.83
C ARG A 316 -33.70 -2.06 3.40
N LEU A 317 -34.19 -1.03 2.71
CA LEU A 317 -33.80 -0.77 1.32
C LEU A 317 -33.82 -2.08 0.55
N PHE A 318 -34.89 -2.83 0.79
CA PHE A 318 -35.10 -4.13 0.17
C PHE A 318 -35.80 -3.97 -1.16
N PRO A 319 -35.10 -4.19 -2.28
CA PRO A 319 -35.70 -4.05 -3.61
C PRO A 319 -36.69 -5.16 -3.94
N ILE A 320 -37.82 -4.77 -4.52
CA ILE A 320 -38.85 -5.72 -4.91
C ILE A 320 -39.28 -5.32 -6.31
N GLN A 321 -38.97 -6.18 -7.27
CA GLN A 321 -39.31 -5.95 -8.67
C GLN A 321 -40.82 -6.23 -8.87
N LEU A 322 -41.63 -5.18 -9.10
CA LEU A 322 -43.09 -5.33 -9.31
C LEU A 322 -43.46 -5.96 -10.66
N ALA A 323 -42.96 -5.32 -11.72
CA ALA A 323 -43.15 -5.77 -13.08
C ALA A 323 -41.91 -5.16 -13.72
N GLU A 324 -41.86 -5.11 -15.05
CA GLU A 324 -40.70 -4.52 -15.70
C GLU A 324 -40.65 -3.03 -15.38
N ASN A 325 -39.46 -2.54 -15.05
CA ASN A 325 -39.22 -1.14 -14.72
C ASN A 325 -40.05 -0.58 -13.56
N GLN A 326 -40.70 -1.46 -12.82
CA GLN A 326 -41.51 -1.04 -11.69
C GLN A 326 -40.85 -1.58 -10.41
N LEU A 327 -39.99 -0.75 -9.82
CA LEU A 327 -39.25 -1.15 -8.64
C LEU A 327 -39.83 -0.59 -7.35
N LEU A 328 -39.99 -1.45 -6.35
CA LEU A 328 -40.49 -1.07 -5.04
C LEU A 328 -39.28 -1.21 -4.11
N LEU A 329 -39.07 -0.24 -3.24
CA LEU A 329 -37.96 -0.26 -2.31
C LEU A 329 -38.51 -0.26 -0.92
N ASP A 330 -38.59 -1.46 -0.37
CA ASP A 330 -39.10 -1.68 0.96
C ASP A 330 -38.08 -1.22 1.98
N ASP A 331 -38.42 -0.15 2.68
CA ASP A 331 -37.56 0.37 3.74
C ASP A 331 -38.51 0.69 4.88
N SER A 332 -39.55 -0.14 5.00
CA SER A 332 -40.59 0.02 5.99
C SER A 332 -40.27 -0.45 7.41
N TYR A 333 -39.04 -0.87 7.68
CA TYR A 333 -38.71 -1.31 9.02
C TYR A 333 -38.84 -0.22 10.07
N ASN A 334 -38.16 0.90 9.88
CA ASN A 334 -38.20 2.02 10.84
C ASN A 334 -37.92 3.34 10.11
N ALA A 335 -37.90 4.44 10.87
CA ALA A 335 -37.65 5.76 10.29
C ALA A 335 -37.51 6.90 11.32
N ASN A 336 -36.45 7.66 11.16
CA ASN A 336 -36.14 8.82 11.99
C ASN A 336 -35.62 9.83 10.96
N VAL A 337 -35.40 11.08 11.35
CA VAL A 337 -34.91 12.10 10.40
C VAL A 337 -33.74 11.61 9.56
N GLY A 338 -32.72 11.07 10.22
CA GLY A 338 -31.56 10.59 9.50
C GLY A 338 -31.83 9.58 8.41
N SER A 339 -32.43 8.45 8.79
CA SER A 339 -32.74 7.38 7.85
C SER A 339 -33.74 7.82 6.80
N MSE A 340 -34.63 8.73 7.19
CA MSE A 340 -35.63 9.24 6.27
C MSE A 340 -34.97 10.15 5.25
O MSE A 340 -35.05 9.90 4.03
CB MSE A 340 -36.73 9.96 7.06
CG MSE A 340 -37.98 10.29 6.25
SE MSE A 340 -38.97 8.89 5.22
CE MSE A 340 -40.44 8.65 6.54
N THR A 341 -34.23 11.15 5.73
CA THR A 341 -33.52 12.10 4.87
C THR A 341 -32.61 11.33 3.91
N ALA A 342 -32.03 10.24 4.40
CA ALA A 342 -31.15 9.42 3.57
C ALA A 342 -31.98 8.66 2.54
N ALA A 343 -33.16 8.18 2.94
CA ALA A 343 -34.05 7.43 2.04
C ALA A 343 -34.34 8.27 0.78
N VAL A 344 -34.62 9.55 0.98
CA VAL A 344 -34.90 10.50 -0.10
C VAL A 344 -33.75 10.53 -1.11
N GLN A 345 -32.52 10.59 -0.60
CA GLN A 345 -31.34 10.61 -1.45
C GLN A 345 -31.27 9.35 -2.31
N VAL A 346 -31.64 8.22 -1.73
CA VAL A 346 -31.60 6.95 -2.46
C VAL A 346 -32.61 7.00 -3.59
N LEU A 347 -33.85 7.38 -3.27
CA LEU A 347 -34.93 7.50 -4.24
C LEU A 347 -34.56 8.46 -5.36
N ALA A 348 -34.08 9.63 -4.98
CA ALA A 348 -33.71 10.69 -5.92
C ALA A 348 -32.87 10.23 -7.11
N GLU A 349 -32.01 9.26 -6.89
CA GLU A 349 -31.15 8.76 -7.95
C GLU A 349 -31.82 7.64 -8.75
N MSE A 350 -32.89 7.08 -8.21
CA MSE A 350 -33.61 5.99 -8.88
C MSE A 350 -34.18 6.39 -10.23
O MSE A 350 -34.48 7.57 -10.48
CB MSE A 350 -34.72 5.43 -7.99
CG MSE A 350 -34.25 4.70 -6.74
SE MSE A 350 -33.18 3.16 -7.21
CE MSE A 350 -31.81 3.30 -5.82
N PRO A 351 -34.31 5.41 -11.14
CA PRO A 351 -34.86 5.62 -12.49
C PRO A 351 -36.38 5.87 -12.57
N GLY A 352 -36.78 6.65 -13.57
CA GLY A 352 -38.19 6.93 -13.78
C GLY A 352 -38.85 7.93 -12.85
N TYR A 353 -40.17 7.84 -12.79
CA TYR A 353 -41.03 8.68 -11.95
C TYR A 353 -40.86 8.12 -10.54
N ARG A 354 -40.46 8.96 -9.59
CA ARG A 354 -40.20 8.50 -8.24
C ARG A 354 -41.24 8.88 -7.22
N VAL A 355 -41.76 7.88 -6.50
CA VAL A 355 -42.78 8.10 -5.47
C VAL A 355 -42.29 7.73 -4.05
N LEU A 356 -42.25 8.71 -3.16
CA LEU A 356 -41.84 8.46 -1.77
C LEU A 356 -43.13 8.23 -0.98
N VAL A 357 -43.37 6.98 -0.59
CA VAL A 357 -44.56 6.64 0.17
C VAL A 357 -44.15 6.62 1.63
N VAL A 358 -44.76 7.47 2.45
CA VAL A 358 -44.36 7.52 3.85
C VAL A 358 -45.44 7.48 4.94
N GLY A 359 -44.98 7.23 6.16
CA GLY A 359 -45.85 7.20 7.32
C GLY A 359 -45.10 7.98 8.40
N ASP A 360 -45.76 8.26 9.52
CA ASP A 360 -45.13 9.02 10.61
C ASP A 360 -43.79 8.44 11.06
N MSE A 361 -42.88 9.31 11.50
CA MSE A 361 -41.57 8.89 11.96
C MSE A 361 -41.63 8.69 13.46
O MSE A 361 -42.58 9.14 14.12
CB MSE A 361 -40.52 9.96 11.63
CG MSE A 361 -40.46 10.28 10.16
SE MSE A 361 -38.94 11.25 9.56
CE MSE A 361 -39.14 12.72 10.68
N ALA A 362 -40.61 8.05 14.01
CA ALA A 362 -40.57 7.80 15.44
C ALA A 362 -39.84 8.95 16.17
N GLU A 363 -40.13 10.18 15.75
CA GLU A 363 -39.53 11.37 16.34
C GLU A 363 -40.18 11.72 17.67
N LEU A 364 -39.48 12.53 18.47
CA LEU A 364 -39.99 12.90 19.77
C LEU A 364 -40.20 14.39 19.95
N GLY A 365 -41.25 14.74 20.69
CA GLY A 365 -41.58 16.12 21.02
C GLY A 365 -41.96 17.14 19.95
N ALA A 366 -41.71 18.40 20.29
CA ALA A 366 -42.02 19.54 19.43
C ALA A 366 -41.16 19.64 18.18
N GLU A 367 -40.03 18.94 18.18
CA GLU A 367 -39.15 18.93 17.02
C GLU A 367 -39.70 17.97 15.92
N SER A 368 -40.72 17.17 16.26
CA SER A 368 -41.33 16.23 15.31
C SER A 368 -41.85 16.93 14.06
N GLU A 369 -42.69 17.94 14.26
CA GLU A 369 -43.27 18.73 13.18
C GLU A 369 -42.16 19.19 12.23
N ALA A 370 -41.14 19.81 12.82
CA ALA A 370 -39.99 20.32 12.06
C ALA A 370 -39.28 19.20 11.29
N CYS A 371 -39.07 18.07 11.95
CA CYS A 371 -38.39 16.94 11.33
C CYS A 371 -39.11 16.42 10.11
N HIS A 372 -40.43 16.46 10.12
CA HIS A 372 -41.20 16.00 8.98
C HIS A 372 -41.11 17.04 7.87
N VAL A 373 -41.11 18.31 8.26
CA VAL A 373 -40.99 19.40 7.32
C VAL A 373 -39.68 19.25 6.53
N GLN A 374 -38.59 19.03 7.25
CA GLN A 374 -37.27 18.88 6.66
C GLN A 374 -37.23 17.83 5.58
N VAL A 375 -37.78 16.67 5.92
CA VAL A 375 -37.81 15.55 4.99
C VAL A 375 -38.63 15.95 3.77
N GLY A 376 -39.74 16.65 3.99
CA GLY A 376 -40.55 17.11 2.86
C GLY A 376 -39.71 18.03 1.99
N GLU A 377 -39.06 19.01 2.61
CA GLU A 377 -38.21 19.97 1.91
C GLU A 377 -37.07 19.26 1.18
N ALA A 378 -36.59 18.15 1.74
CA ALA A 378 -35.51 17.37 1.13
C ALA A 378 -35.95 16.68 -0.16
N ALA A 379 -37.15 16.12 -0.15
CA ALA A 379 -37.72 15.45 -1.32
C ALA A 379 -38.00 16.52 -2.36
N LYS A 380 -38.42 17.69 -1.88
CA LYS A 380 -38.71 18.85 -2.72
C LYS A 380 -37.43 19.23 -3.48
N ALA A 381 -36.35 19.48 -2.74
CA ALA A 381 -35.07 19.85 -3.36
C ALA A 381 -34.48 18.71 -4.18
N ALA A 382 -34.83 17.48 -3.85
CA ALA A 382 -34.32 16.30 -4.56
C ALA A 382 -35.00 16.08 -5.91
N GLY A 383 -36.13 16.73 -6.12
CA GLY A 383 -36.84 16.56 -7.38
C GLY A 383 -37.68 15.31 -7.38
N ILE A 384 -38.10 14.86 -6.20
CA ILE A 384 -38.93 13.66 -6.12
C ILE A 384 -40.23 13.97 -6.87
N ASP A 385 -40.65 13.04 -7.72
CA ASP A 385 -41.84 13.23 -8.54
C ASP A 385 -43.17 13.24 -7.81
N ARG A 386 -43.25 12.59 -6.64
CA ARG A 386 -44.51 12.54 -5.87
C ARG A 386 -44.33 11.89 -4.51
N VAL A 387 -45.07 12.37 -3.51
CA VAL A 387 -44.99 11.87 -2.13
C VAL A 387 -46.38 11.59 -1.54
N LEU A 388 -46.76 10.31 -1.50
CA LEU A 388 -48.06 9.92 -0.95
C LEU A 388 -47.81 9.65 0.54
N SER A 389 -48.61 10.25 1.41
CA SER A 389 -48.39 10.05 2.84
C SER A 389 -49.65 9.69 3.64
N VAL A 390 -49.45 9.04 4.78
CA VAL A 390 -50.53 8.66 5.69
C VAL A 390 -49.99 8.91 7.10
N GLY A 391 -50.83 9.41 7.98
CA GLY A 391 -50.40 9.65 9.34
C GLY A 391 -50.89 10.99 9.83
N LYS A 392 -50.70 11.25 11.12
CA LYS A 392 -51.14 12.52 11.69
C LYS A 392 -50.01 13.53 11.82
N GLN A 393 -48.86 13.17 11.25
CA GLN A 393 -47.65 13.97 11.27
C GLN A 393 -47.00 14.03 9.89
N SER A 394 -47.11 12.91 9.16
CA SER A 394 -46.49 12.81 7.85
C SER A 394 -47.05 13.71 6.77
N HIS A 395 -48.13 14.43 7.06
CA HIS A 395 -48.68 15.33 6.07
C HIS A 395 -47.68 16.43 5.85
N ALA A 396 -46.92 16.75 6.90
CA ALA A 396 -45.90 17.79 6.84
C ALA A 396 -44.87 17.55 5.73
N ILE A 397 -44.55 16.28 5.50
CA ILE A 397 -43.60 15.87 4.48
C ILE A 397 -44.18 16.15 3.11
N SER A 398 -45.29 15.49 2.77
CA SER A 398 -45.93 15.68 1.45
C SER A 398 -46.27 17.14 1.18
N THR A 399 -46.64 17.89 2.22
CA THR A 399 -46.96 19.31 2.11
C THR A 399 -45.70 20.05 1.68
N ALA A 400 -44.65 19.92 2.49
CA ALA A 400 -43.38 20.58 2.24
C ALA A 400 -42.70 20.15 0.94
N SER A 401 -43.00 18.95 0.45
CA SER A 401 -42.38 18.50 -0.79
C SER A 401 -42.91 19.22 -2.02
N GLY A 402 -43.96 20.02 -1.86
CA GLY A 402 -44.54 20.76 -2.96
C GLY A 402 -45.10 19.83 -4.02
N VAL A 403 -45.40 18.62 -3.61
CA VAL A 403 -45.94 17.60 -4.50
C VAL A 403 -46.45 16.50 -3.58
N GLY A 404 -47.14 15.51 -4.12
CA GLY A 404 -47.67 14.47 -3.24
C GLY A 404 -49.00 14.86 -2.59
N GLU A 405 -49.63 13.88 -1.96
CA GLU A 405 -50.92 14.04 -1.33
C GLU A 405 -50.97 13.20 -0.05
N HIS A 406 -51.91 13.54 0.82
CA HIS A 406 -52.05 12.87 2.11
C HIS A 406 -53.37 12.09 2.22
N PHE A 407 -53.36 11.03 3.04
CA PHE A 407 -54.52 10.16 3.25
C PHE A 407 -54.81 9.94 4.72
N ALA A 408 -56.08 9.65 5.02
CA ALA A 408 -56.53 9.42 6.38
C ALA A 408 -56.34 7.98 6.85
N ASP A 409 -56.03 7.09 5.91
CA ASP A 409 -55.79 5.67 6.18
C ASP A 409 -54.89 5.10 5.09
N LYS A 410 -54.29 3.94 5.37
CA LYS A 410 -53.42 3.28 4.40
C LYS A 410 -54.18 2.71 3.19
N THR A 411 -55.44 2.36 3.38
CA THR A 411 -56.23 1.76 2.29
C THR A 411 -56.47 2.73 1.13
N ALA A 412 -56.68 4.00 1.46
CA ALA A 412 -56.90 5.00 0.43
C ALA A 412 -55.58 5.25 -0.29
N LEU A 413 -54.47 5.14 0.45
CA LEU A 413 -53.14 5.36 -0.11
C LEU A 413 -52.84 4.25 -1.10
N ILE A 414 -53.01 3.00 -0.67
CA ILE A 414 -52.74 1.84 -1.52
C ILE A 414 -53.49 1.95 -2.84
N THR A 415 -54.76 2.33 -2.76
CA THR A 415 -55.57 2.49 -3.97
C THR A 415 -54.98 3.53 -4.93
N ARG A 416 -54.71 4.74 -4.43
CA ARG A 416 -54.16 5.84 -5.25
C ARG A 416 -52.76 5.48 -5.72
N LEU A 417 -52.06 4.70 -4.91
CA LEU A 417 -50.71 4.25 -5.22
C LEU A 417 -50.78 3.27 -6.39
N LYS A 418 -51.62 2.25 -6.26
CA LYS A 418 -51.80 1.25 -7.32
C LYS A 418 -52.07 1.92 -8.66
N LEU A 419 -52.92 2.94 -8.65
CA LEU A 419 -53.28 3.68 -9.87
C LEU A 419 -52.03 4.31 -10.46
N LEU A 420 -51.29 5.02 -9.61
CA LEU A 420 -50.06 5.69 -10.01
C LEU A 420 -49.10 4.69 -10.67
N ILE A 421 -49.04 3.47 -10.11
CA ILE A 421 -48.19 2.37 -10.61
C ILE A 421 -48.63 1.94 -12.01
N ALA A 422 -49.95 1.82 -12.20
CA ALA A 422 -50.52 1.45 -13.48
C ALA A 422 -50.42 2.60 -14.48
N GLU A 423 -50.45 3.81 -13.93
CA GLU A 423 -50.36 5.05 -14.70
C GLU A 423 -48.92 5.30 -15.19
N GLN A 424 -47.94 5.01 -14.34
CA GLN A 424 -46.53 5.21 -14.68
C GLN A 424 -45.84 3.88 -14.95
N GLN A 425 -45.45 3.64 -16.20
CA GLN A 425 -44.79 2.40 -16.57
C GLN A 425 -43.35 2.29 -16.02
N VAL A 426 -42.76 3.43 -15.69
CA VAL A 426 -41.40 3.49 -15.14
C VAL A 426 -41.44 4.22 -13.79
N ILE A 427 -41.68 3.49 -12.72
CA ILE A 427 -41.73 4.11 -11.40
C ILE A 427 -40.86 3.39 -10.39
N THR A 428 -40.27 4.16 -9.49
CA THR A 428 -39.49 3.61 -8.42
C THR A 428 -40.24 4.09 -7.17
N ILE A 429 -40.63 3.16 -6.31
CA ILE A 429 -41.38 3.49 -5.10
C ILE A 429 -40.57 3.17 -3.85
N LEU A 430 -40.60 4.05 -2.86
CA LEU A 430 -39.89 3.83 -1.60
C LEU A 430 -40.88 3.99 -0.48
N VAL A 431 -41.20 2.88 0.17
CA VAL A 431 -42.14 2.89 1.29
C VAL A 431 -41.32 2.90 2.57
N LYS A 432 -41.62 3.82 3.47
CA LYS A 432 -40.87 3.91 4.69
C LYS A 432 -41.65 4.65 5.74
N GLY A 433 -41.55 4.18 6.97
CA GLY A 433 -42.24 4.83 8.08
C GLY A 433 -41.69 4.24 9.36
N SER A 434 -42.12 4.73 10.51
CA SER A 434 -41.67 4.18 11.78
C SER A 434 -42.32 2.81 12.01
N ARG A 435 -41.79 2.05 12.96
CA ARG A 435 -42.31 0.72 13.26
C ARG A 435 -43.78 0.83 13.56
N SER A 436 -44.12 1.75 14.46
CA SER A 436 -45.50 1.94 14.85
C SER A 436 -46.41 2.34 13.69
N ALA A 437 -45.85 2.95 12.64
CA ALA A 437 -46.65 3.32 11.48
C ALA A 437 -47.09 2.09 10.68
N ALA A 438 -46.31 1.01 10.75
CA ALA A 438 -46.64 -0.25 10.07
C ALA A 438 -46.80 -0.11 8.55
N MSE A 439 -45.80 0.45 7.90
CA MSE A 439 -45.85 0.63 6.46
C MSE A 439 -45.63 -0.63 5.66
O MSE A 439 -45.83 -0.63 4.45
CB MSE A 439 -44.86 1.71 6.00
CG MSE A 439 -45.25 3.11 6.44
SE MSE A 439 -47.05 3.62 5.82
CE MSE A 439 -47.89 3.96 7.57
N GLU A 440 -45.23 -1.72 6.32
CA GLU A 440 -45.03 -2.98 5.61
C GLU A 440 -46.35 -3.37 4.94
N GLU A 441 -47.47 -3.05 5.60
CA GLU A 441 -48.82 -3.33 5.11
C GLU A 441 -49.06 -2.77 3.72
N VAL A 442 -48.49 -1.60 3.45
CA VAL A 442 -48.60 -0.99 2.13
C VAL A 442 -47.77 -1.82 1.15
N VAL A 443 -46.63 -2.29 1.65
CA VAL A 443 -45.72 -3.10 0.85
C VAL A 443 -46.34 -4.46 0.55
N ARG A 444 -46.95 -5.08 1.57
CA ARG A 444 -47.59 -6.39 1.44
C ARG A 444 -48.70 -6.22 0.41
N ALA A 445 -49.56 -5.25 0.67
CA ALA A 445 -50.71 -4.95 -0.17
C ALA A 445 -50.35 -4.79 -1.64
N LEU A 446 -49.24 -4.14 -1.93
CA LEU A 446 -48.82 -3.91 -3.32
C LEU A 446 -48.43 -5.21 -4.03
N GLN A 447 -47.94 -6.19 -3.27
CA GLN A 447 -47.53 -7.47 -3.82
C GLN A 447 -48.49 -8.59 -3.38
N MSE B 1 12.41 23.88 -21.67
CA MSE B 1 11.92 25.26 -21.38
C MSE B 1 10.68 25.42 -22.20
O MSE B 1 10.37 24.60 -23.06
CB MSE B 1 12.95 26.29 -21.85
CG MSE B 1 13.37 27.27 -20.77
SE MSE B 1 11.86 27.65 -19.77
CE MSE B 1 12.38 28.89 -18.45
N ILE B 2 9.95 26.48 -21.91
CA ILE B 2 8.73 26.77 -22.64
C ILE B 2 8.73 28.27 -22.93
N SER B 3 7.93 28.67 -23.91
CA SER B 3 7.81 30.07 -24.30
C SER B 3 7.16 30.83 -23.13
N VAL B 4 7.79 31.91 -22.68
CA VAL B 4 7.31 32.73 -21.57
C VAL B 4 7.70 34.19 -21.80
N THR B 5 6.90 35.12 -21.29
CA THR B 5 7.21 36.52 -21.47
C THR B 5 7.79 37.09 -20.18
N LEU B 6 8.67 38.06 -20.33
CA LEU B 6 9.33 38.70 -19.22
C LEU B 6 8.29 39.35 -18.27
N SER B 7 7.16 39.80 -18.83
CA SER B 7 6.10 40.43 -18.01
C SER B 7 5.32 39.39 -17.18
N GLN B 8 5.30 38.13 -17.63
CA GLN B 8 4.66 37.08 -16.87
C GLN B 8 5.62 36.82 -15.71
N LEU B 9 6.90 36.66 -16.06
CA LEU B 9 7.95 36.39 -15.09
C LEU B 9 7.97 37.32 -13.90
N THR B 10 7.54 38.57 -14.08
CA THR B 10 7.51 39.51 -12.96
C THR B 10 6.63 38.97 -11.84
N ASP B 11 5.45 38.49 -12.22
CA ASP B 11 4.47 37.91 -11.29
C ASP B 11 5.07 36.62 -10.72
N ILE B 12 5.39 35.69 -11.63
CA ILE B 12 5.97 34.38 -11.31
C ILE B 12 7.16 34.42 -10.38
N LEU B 13 8.12 35.30 -10.67
CA LEU B 13 9.32 35.39 -9.85
C LEU B 13 9.28 36.49 -8.80
N ASN B 14 8.21 37.30 -8.82
CA ASN B 14 8.05 38.41 -7.89
C ASN B 14 9.21 39.39 -8.12
N GLY B 15 9.35 39.85 -9.37
CA GLY B 15 10.44 40.75 -9.69
C GLY B 15 10.08 41.92 -10.59
N GLU B 16 10.89 42.95 -10.50
CA GLU B 16 10.72 44.19 -11.25
C GLU B 16 11.35 44.15 -12.66
N LEU B 17 10.55 44.35 -13.70
CA LEU B 17 11.07 44.33 -15.06
C LEU B 17 11.61 45.73 -15.34
N GLN B 18 12.82 45.78 -15.88
CA GLN B 18 13.47 47.04 -16.21
C GLN B 18 14.01 46.95 -17.63
N GLY B 19 13.11 47.14 -18.59
CA GLY B 19 13.45 47.09 -19.99
C GLY B 19 12.16 46.88 -20.74
N ALA B 20 12.24 46.33 -21.94
CA ALA B 20 11.04 46.05 -22.74
C ALA B 20 10.56 44.63 -22.39
N ASP B 21 9.36 44.28 -22.85
CA ASP B 21 8.85 42.95 -22.59
C ASP B 21 9.53 42.08 -23.65
N ILE B 22 9.70 40.80 -23.35
CA ILE B 22 10.38 39.87 -24.26
C ILE B 22 9.79 38.47 -24.12
N THR B 23 9.94 37.67 -25.16
CA THR B 23 9.50 36.27 -25.16
C THR B 23 10.77 35.39 -25.14
N LEU B 24 10.88 34.56 -24.10
CA LEU B 24 11.99 33.64 -23.92
C LEU B 24 11.53 32.27 -24.39
N ASP B 25 12.42 31.30 -24.28
CA ASP B 25 12.15 29.94 -24.73
C ASP B 25 13.32 29.11 -24.22
N ALA B 26 14.30 29.78 -23.62
CA ALA B 26 15.50 29.15 -23.10
C ALA B 26 16.16 29.99 -22.00
N VAL B 27 16.55 29.34 -20.91
CA VAL B 27 17.20 29.99 -19.78
C VAL B 27 18.44 29.21 -19.44
N THR B 28 19.48 29.91 -19.01
CA THR B 28 20.74 29.26 -18.63
C THR B 28 21.60 30.14 -17.74
N THR B 29 22.50 29.49 -17.01
CA THR B 29 23.42 30.15 -16.09
C THR B 29 24.85 30.02 -16.61
N ASP B 30 24.99 29.34 -17.74
CA ASP B 30 26.30 29.09 -18.34
C ASP B 30 26.51 29.89 -19.61
N THR B 31 27.58 30.67 -19.62
CA THR B 31 27.94 31.50 -20.76
C THR B 31 28.27 30.63 -21.95
N ARG B 32 28.71 29.42 -21.69
CA ARG B 32 29.05 28.51 -22.79
C ARG B 32 27.81 27.88 -23.40
N LYS B 33 26.62 28.26 -22.91
CA LYS B 33 25.37 27.69 -23.41
C LYS B 33 24.37 28.67 -24.01
N LEU B 34 24.74 29.95 -24.07
CA LEU B 34 23.88 31.00 -24.61
C LEU B 34 23.25 30.68 -25.97
N THR B 35 21.95 30.95 -26.06
CA THR B 35 21.16 30.74 -27.29
C THR B 35 20.53 32.08 -27.65
N PRO B 36 20.39 32.37 -28.95
CA PRO B 36 19.80 33.60 -29.48
C PRO B 36 18.50 34.06 -28.80
N GLY B 37 18.62 35.03 -27.91
CA GLY B 37 17.45 35.55 -27.24
C GLY B 37 17.04 34.84 -25.97
N CYS B 38 17.97 34.11 -25.38
CA CYS B 38 17.71 33.37 -24.14
C CYS B 38 17.76 34.33 -22.96
N LEU B 39 17.48 33.83 -21.76
CA LEU B 39 17.57 34.64 -20.56
C LEU B 39 18.83 34.12 -19.89
N PHE B 40 19.66 35.00 -19.33
CA PHE B 40 20.88 34.56 -18.65
C PHE B 40 20.65 34.80 -17.18
N VAL B 41 20.79 33.74 -16.38
CA VAL B 41 20.58 33.89 -14.96
C VAL B 41 21.92 34.12 -14.31
N ALA B 42 22.09 35.31 -13.78
CA ALA B 42 23.32 35.62 -13.13
C ALA B 42 23.28 35.08 -11.70
N LEU B 43 23.85 33.90 -11.50
CA LEU B 43 23.89 33.33 -10.17
C LEU B 43 25.10 33.84 -9.45
N LYS B 44 24.99 33.96 -8.15
CA LYS B 44 26.10 34.38 -7.35
C LYS B 44 26.17 33.40 -6.17
N GLY B 45 27.31 33.37 -5.51
CA GLY B 45 27.47 32.46 -4.40
C GLY B 45 28.66 32.91 -3.59
N GLU B 46 29.01 32.13 -2.57
CA GLU B 46 30.12 32.45 -1.69
C GLU B 46 31.43 32.74 -2.43
N ARG B 47 31.71 31.96 -3.47
CA ARG B 47 32.95 32.09 -4.22
C ARG B 47 32.82 32.74 -5.59
N PHE B 48 31.61 33.14 -5.97
CA PHE B 48 31.43 33.73 -7.30
C PHE B 48 30.21 34.62 -7.44
N ASP B 49 30.15 35.33 -8.56
CA ASP B 49 29.02 36.19 -8.85
C ASP B 49 28.99 36.36 -10.36
N ALA B 50 28.09 35.65 -11.03
CA ALA B 50 27.96 35.74 -12.47
C ALA B 50 27.31 37.03 -13.00
N HIS B 51 27.16 38.05 -12.16
CA HIS B 51 26.58 39.31 -12.63
C HIS B 51 27.69 39.91 -13.47
N ASP B 52 28.93 39.62 -13.06
CA ASP B 52 30.12 40.09 -13.76
C ASP B 52 30.27 39.55 -15.16
N PHE B 53 29.59 38.45 -15.48
CA PHE B 53 29.71 37.88 -16.81
C PHE B 53 28.53 38.25 -17.70
N ALA B 54 27.71 39.20 -17.22
CA ALA B 54 26.53 39.67 -17.95
C ALA B 54 26.88 40.31 -19.30
N ASP B 55 28.02 40.99 -19.34
CA ASP B 55 28.55 41.63 -20.54
C ASP B 55 28.76 40.56 -21.57
N GLN B 56 29.43 39.49 -21.12
CA GLN B 56 29.72 38.35 -21.97
C GLN B 56 28.39 37.70 -22.40
N ALA B 57 27.46 37.60 -21.46
CA ALA B 57 26.15 37.01 -21.75
C ALA B 57 25.45 37.75 -22.87
N LYS B 58 25.45 39.09 -22.78
CA LYS B 58 24.83 39.93 -23.80
C LYS B 58 25.54 39.75 -25.13
N ALA B 59 26.87 39.83 -25.08
CA ALA B 59 27.72 39.68 -26.26
C ALA B 59 27.51 38.31 -26.92
N GLY B 60 27.16 37.31 -26.10
CA GLY B 60 26.89 35.96 -26.57
C GLY B 60 25.52 35.73 -27.20
N GLY B 61 24.58 36.64 -26.96
CA GLY B 61 23.26 36.48 -27.56
C GLY B 61 22.09 36.60 -26.60
N ALA B 62 22.38 36.65 -25.30
CA ALA B 62 21.32 36.74 -24.31
C ALA B 62 20.34 37.86 -24.64
N GLY B 63 19.05 37.53 -24.57
CA GLY B 63 18.00 38.49 -24.83
C GLY B 63 17.58 39.31 -23.61
N ALA B 64 17.81 38.77 -22.42
CA ALA B 64 17.45 39.46 -21.19
C ALA B 64 18.24 38.88 -20.02
N LEU B 65 18.21 39.55 -18.88
CA LEU B 65 18.98 39.07 -17.73
C LEU B 65 18.24 39.00 -16.40
N LEU B 66 18.06 37.80 -15.87
CA LEU B 66 17.43 37.66 -14.56
C LEU B 66 18.59 38.04 -13.60
N VAL B 67 18.41 39.08 -12.80
CA VAL B 67 19.51 39.55 -11.95
C VAL B 67 19.09 40.01 -10.54
N SER B 68 19.97 39.89 -9.54
CA SER B 68 19.64 40.31 -8.17
C SER B 68 19.95 41.81 -7.88
N ARG B 69 20.31 42.55 -8.92
CA ARG B 69 20.62 43.97 -8.81
C ARG B 69 20.78 44.49 -10.23
N PRO B 70 20.47 45.78 -10.46
CA PRO B 70 20.60 46.33 -11.81
C PRO B 70 22.07 46.41 -12.27
N LEU B 71 22.28 46.27 -13.57
CA LEU B 71 23.62 46.32 -14.13
C LEU B 71 23.51 47.14 -15.40
N ASP B 72 24.54 47.89 -15.75
CA ASP B 72 24.50 48.69 -16.96
C ASP B 72 24.75 47.86 -18.21
N ILE B 73 23.83 46.96 -18.51
CA ILE B 73 23.96 46.12 -19.70
C ILE B 73 22.72 46.40 -20.51
N ASP B 74 22.91 46.91 -21.72
CA ASP B 74 21.79 47.25 -22.59
C ASP B 74 21.02 45.99 -22.96
N LEU B 75 20.30 45.48 -21.96
CA LEU B 75 19.48 44.27 -22.05
C LEU B 75 18.40 44.34 -20.98
N PRO B 76 17.16 43.96 -21.35
CA PRO B 76 16.04 43.96 -20.39
C PRO B 76 16.46 43.20 -19.15
N GLN B 77 16.20 43.76 -17.99
CA GLN B 77 16.58 43.10 -16.76
C GLN B 77 15.36 42.73 -15.94
N LEU B 78 15.53 41.76 -15.05
CA LEU B 78 14.43 41.30 -14.21
C LEU B 78 15.03 41.23 -12.83
N ILE B 79 15.00 42.37 -12.15
CA ILE B 79 15.57 42.49 -10.81
C ILE B 79 14.74 41.76 -9.78
N VAL B 80 15.35 40.75 -9.15
CA VAL B 80 14.73 39.92 -8.12
C VAL B 80 15.60 39.95 -6.87
N LYS B 81 14.99 39.69 -5.71
CA LYS B 81 15.70 39.71 -4.43
C LYS B 81 16.84 38.70 -4.35
N ASP B 82 16.60 37.49 -4.84
CA ASP B 82 17.59 36.40 -4.80
C ASP B 82 17.50 35.61 -6.10
N THR B 83 18.60 35.58 -6.84
CA THR B 83 18.63 34.88 -8.12
C THR B 83 18.49 33.37 -7.99
N ARG B 84 18.98 32.80 -6.90
CA ARG B 84 18.90 31.36 -6.66
C ARG B 84 17.43 30.95 -6.57
N LEU B 85 16.71 31.57 -5.62
CA LEU B 85 15.30 31.29 -5.43
C LEU B 85 14.56 31.45 -6.75
N ALA B 86 14.82 32.55 -7.44
CA ALA B 86 14.14 32.83 -8.69
C ALA B 86 14.39 31.78 -9.76
N PHE B 87 15.59 31.23 -9.75
CA PHE B 87 15.98 30.20 -10.71
C PHE B 87 15.12 28.97 -10.43
N GLY B 88 14.96 28.66 -9.14
CA GLY B 88 14.15 27.54 -8.71
C GLY B 88 12.69 27.75 -9.03
N GLU B 89 12.17 28.92 -8.67
CA GLU B 89 10.79 29.26 -8.91
C GLU B 89 10.50 29.23 -10.40
N LEU B 90 11.39 29.78 -11.22
CA LEU B 90 11.17 29.73 -12.66
C LEU B 90 11.10 28.27 -13.13
N ALA B 91 11.83 27.38 -12.43
CA ALA B 91 11.86 25.95 -12.74
C ALA B 91 10.61 25.24 -12.25
N ALA B 92 10.13 25.64 -11.06
CA ALA B 92 8.91 25.10 -10.45
C ALA B 92 7.74 25.40 -11.39
N TRP B 93 7.59 26.68 -11.73
CA TRP B 93 6.53 27.12 -12.62
C TRP B 93 6.53 26.33 -13.92
N VAL B 94 7.71 26.13 -14.53
CA VAL B 94 7.79 25.38 -15.80
C VAL B 94 7.29 23.95 -15.64
N ARG B 95 7.62 23.33 -14.51
CA ARG B 95 7.19 21.96 -14.28
C ARG B 95 5.67 21.84 -14.17
N GLN B 96 5.01 22.93 -13.79
CA GLN B 96 3.55 22.92 -13.67
C GLN B 96 2.87 23.12 -15.03
N GLN B 97 3.63 23.56 -16.01
CA GLN B 97 3.03 23.81 -17.31
C GLN B 97 3.14 22.61 -18.25
N VAL B 98 3.78 21.53 -17.79
CA VAL B 98 3.97 20.35 -18.63
C VAL B 98 3.20 19.16 -18.12
N PRO B 99 2.80 18.28 -19.04
CA PRO B 99 2.05 17.08 -18.65
C PRO B 99 2.86 15.90 -18.12
N ALA B 100 4.19 16.00 -18.19
CA ALA B 100 5.10 14.93 -17.76
C ALA B 100 4.78 14.25 -16.42
N ARG B 101 4.86 12.93 -16.41
CA ARG B 101 4.63 12.19 -15.18
C ARG B 101 5.95 12.34 -14.46
N VAL B 102 6.00 13.22 -13.47
CA VAL B 102 7.20 13.46 -12.69
C VAL B 102 7.37 12.52 -11.49
N VAL B 103 8.60 12.02 -11.31
CA VAL B 103 8.90 11.13 -10.22
C VAL B 103 10.31 11.47 -9.64
N ALA B 104 10.51 11.35 -8.32
CA ALA B 104 11.81 11.70 -7.68
C ALA B 104 12.42 10.66 -6.72
N LEU B 105 13.73 10.75 -6.48
CA LEU B 105 14.42 9.82 -5.61
C LEU B 105 15.64 10.42 -4.91
N THR B 106 16.01 9.76 -3.81
CA THR B 106 17.15 10.15 -2.99
C THR B 106 17.73 8.89 -2.33
N GLY B 107 18.63 9.08 -1.36
CA GLY B 107 19.23 7.97 -0.66
C GLY B 107 20.68 8.26 -0.38
N SER B 108 21.34 7.38 0.39
CA SER B 108 22.75 7.58 0.68
C SER B 108 23.58 6.98 -0.46
N SER B 109 23.12 5.89 -1.03
CA SER B 109 23.85 5.33 -2.15
C SER B 109 22.86 4.75 -3.15
N GLY B 110 23.35 4.42 -4.34
CA GLY B 110 22.49 3.83 -5.36
C GLY B 110 21.67 4.79 -6.22
N LYS B 111 21.55 6.04 -5.78
CA LYS B 111 20.76 7.04 -6.49
C LYS B 111 20.91 7.03 -8.01
N THR B 112 22.16 7.05 -8.48
CA THR B 112 22.42 7.06 -9.91
C THR B 112 21.90 5.81 -10.65
N SER B 113 22.05 4.63 -10.04
CA SER B 113 21.58 3.37 -10.67
C SER B 113 20.06 3.23 -10.63
N VAL B 114 19.45 3.53 -9.48
CA VAL B 114 18.00 3.47 -9.33
C VAL B 114 17.43 4.47 -10.33
N LYS B 115 18.11 5.62 -10.51
CA LYS B 115 17.71 6.67 -11.47
C LYS B 115 17.75 6.16 -12.91
N GLU B 116 18.91 5.66 -13.32
CA GLU B 116 19.07 5.14 -14.67
C GLU B 116 18.19 3.94 -14.94
N MSE B 117 17.91 3.16 -13.89
CA MSE B 117 17.04 2.01 -14.05
C MSE B 117 15.60 2.48 -14.24
O MSE B 117 14.95 2.08 -15.21
CB MSE B 117 17.15 1.10 -12.82
CG MSE B 117 18.24 0.04 -12.88
SE MSE B 117 18.37 -0.86 -11.11
CE MSE B 117 20.30 -0.82 -10.96
N THR B 118 15.12 3.37 -13.36
CA THR B 118 13.76 3.88 -13.49
C THR B 118 13.61 4.51 -14.87
N ALA B 119 14.62 5.27 -15.28
CA ALA B 119 14.64 5.93 -16.58
C ALA B 119 14.52 4.94 -17.72
N ALA B 120 15.40 3.92 -17.71
CA ALA B 120 15.42 2.90 -18.76
C ALA B 120 14.08 2.24 -18.91
N ILE B 121 13.44 1.98 -17.77
CA ILE B 121 12.12 1.37 -17.75
C ILE B 121 11.05 2.30 -18.35
N LEU B 122 10.99 3.54 -17.87
CA LEU B 122 10.00 4.49 -18.37
C LEU B 122 10.18 4.81 -19.85
N SER B 123 11.42 4.70 -20.35
CA SER B 123 11.73 4.93 -21.76
C SER B 123 10.98 3.97 -22.65
N GLN B 124 10.56 2.84 -22.07
CA GLN B 124 9.81 1.82 -22.78
C GLN B 124 8.36 2.24 -22.82
N CYS B 125 7.98 3.10 -21.86
CA CYS B 125 6.62 3.62 -21.78
C CYS B 125 6.30 4.88 -22.59
N GLY B 126 7.29 5.74 -22.82
CA GLY B 126 7.08 6.96 -23.57
C GLY B 126 8.29 7.85 -23.38
N ASN B 127 8.40 8.92 -24.15
CA ASN B 127 9.52 9.86 -24.09
C ASN B 127 9.86 10.34 -22.66
N THR B 128 11.08 10.04 -22.20
CA THR B 128 11.46 10.45 -20.84
C THR B 128 12.76 11.25 -20.62
N LEU B 129 12.71 12.07 -19.58
CA LEU B 129 13.79 12.92 -19.18
C LEU B 129 14.19 12.49 -17.77
N TYR B 130 15.49 12.58 -17.48
CA TYR B 130 16.04 12.22 -16.17
C TYR B 130 17.31 13.03 -15.90
N THR B 131 17.56 13.34 -14.64
CA THR B 131 18.73 14.12 -14.23
C THR B 131 20.00 13.72 -14.95
N ALA B 132 20.76 14.72 -15.40
CA ALA B 132 22.00 14.47 -16.11
C ALA B 132 23.06 14.50 -15.03
N GLY B 133 24.07 13.65 -15.17
CA GLY B 133 25.12 13.57 -14.16
C GLY B 133 24.58 13.51 -12.74
N ASN B 134 25.10 14.37 -11.88
CA ASN B 134 24.66 14.41 -10.49
C ASN B 134 24.18 15.81 -10.12
N LEU B 135 23.46 16.41 -11.06
CA LEU B 135 22.87 17.74 -10.89
C LEU B 135 21.63 17.49 -10.02
N ASN B 136 21.85 17.41 -8.72
CA ASN B 136 20.76 17.10 -7.81
C ASN B 136 20.64 18.07 -6.67
N ASN B 137 21.25 19.24 -6.80
CA ASN B 137 21.15 20.29 -5.76
C ASN B 137 20.29 21.50 -6.21
N ASP B 138 20.36 22.60 -5.48
CA ASP B 138 19.56 23.79 -5.81
C ASP B 138 19.80 24.40 -7.18
N ILE B 139 20.98 24.23 -7.74
CA ILE B 139 21.20 24.77 -9.07
C ILE B 139 20.88 23.69 -10.09
N GLY B 140 21.19 22.46 -9.72
CA GLY B 140 21.00 21.34 -10.62
C GLY B 140 19.59 20.87 -10.85
N VAL B 141 18.79 20.85 -9.79
CA VAL B 141 17.41 20.42 -9.91
C VAL B 141 16.70 21.35 -10.90
N PRO B 142 16.81 22.68 -10.67
CA PRO B 142 16.16 23.64 -11.57
C PRO B 142 16.67 23.45 -13.00
N MSE B 143 17.98 23.34 -13.17
CA MSE B 143 18.55 23.11 -14.49
C MSE B 143 17.91 21.93 -15.17
O MSE B 143 17.68 21.97 -16.38
CB MSE B 143 20.05 22.86 -14.40
CG MSE B 143 20.90 24.04 -13.98
SE MSE B 143 22.78 23.47 -13.99
CE MSE B 143 22.87 23.00 -15.84
N THR B 144 17.64 20.86 -14.41
CA THR B 144 17.02 19.65 -14.94
C THR B 144 15.54 19.85 -15.26
N LEU B 145 14.84 20.51 -14.35
CA LEU B 145 13.42 20.77 -14.52
C LEU B 145 13.17 21.69 -15.72
N LEU B 146 13.92 22.79 -15.81
CA LEU B 146 13.79 23.73 -16.92
C LEU B 146 13.95 23.08 -18.28
N ARG B 147 14.45 21.84 -18.31
CA ARG B 147 14.64 21.09 -19.57
C ARG B 147 13.34 20.48 -20.03
N LEU B 148 12.33 20.56 -19.17
CA LEU B 148 10.99 20.02 -19.43
C LEU B 148 10.26 20.67 -20.59
N THR B 149 9.52 19.87 -21.33
CA THR B 149 8.73 20.35 -22.44
C THR B 149 7.47 19.49 -22.47
N PRO B 150 6.41 19.93 -23.17
CA PRO B 150 5.17 19.14 -23.22
C PRO B 150 5.39 17.86 -24.00
N GLU B 151 6.61 17.68 -24.52
CA GLU B 151 7.01 16.51 -25.29
C GLU B 151 7.42 15.31 -24.42
N TYR B 152 7.88 15.56 -23.20
CA TYR B 152 8.26 14.46 -22.32
C TYR B 152 7.01 13.85 -21.70
N ASP B 153 7.02 12.53 -21.64
CA ASP B 153 5.92 11.77 -21.06
C ASP B 153 6.25 11.46 -19.61
N TYR B 154 7.54 11.29 -19.31
CA TYR B 154 7.97 10.97 -17.94
C TYR B 154 9.21 11.76 -17.57
N ALA B 155 9.48 11.89 -16.28
CA ALA B 155 10.66 12.60 -15.81
C ALA B 155 11.09 12.02 -14.49
N VAL B 156 12.34 11.57 -14.46
CA VAL B 156 12.97 10.98 -13.27
C VAL B 156 13.95 12.01 -12.76
N ILE B 157 13.62 12.60 -11.63
CA ILE B 157 14.41 13.65 -11.02
C ILE B 157 15.10 13.13 -9.78
N GLU B 158 16.43 13.25 -9.74
CA GLU B 158 17.28 12.81 -8.62
C GLU B 158 17.53 13.97 -7.66
N LEU B 159 17.25 13.79 -6.37
CA LEU B 159 17.47 14.86 -5.42
C LEU B 159 18.57 14.51 -4.42
N GLY B 160 19.51 15.44 -4.25
CA GLY B 160 20.61 15.23 -3.32
C GLY B 160 20.46 16.06 -2.07
N ALA B 161 21.20 15.72 -1.02
CA ALA B 161 21.12 16.43 0.26
C ALA B 161 22.43 16.42 1.04
N ASN B 162 22.96 17.61 1.29
CA ASN B 162 24.20 17.79 2.06
C ASN B 162 23.88 18.36 3.43
N HIS B 163 22.75 19.06 3.53
CA HIS B 163 22.28 19.66 4.78
C HIS B 163 20.76 19.56 4.83
N GLN B 164 20.19 19.73 6.02
CA GLN B 164 18.75 19.69 6.19
C GLN B 164 18.08 20.85 5.47
N GLY B 165 16.86 20.63 5.02
CA GLY B 165 16.12 21.65 4.30
C GLY B 165 16.47 21.69 2.83
N GLU B 166 17.57 21.04 2.46
CA GLU B 166 18.02 21.04 1.08
C GLU B 166 17.04 20.31 0.18
N ILE B 167 16.65 19.10 0.58
CA ILE B 167 15.70 18.35 -0.24
C ILE B 167 14.31 19.02 -0.22
N ALA B 168 13.87 19.45 0.96
CA ALA B 168 12.59 20.11 1.12
C ALA B 168 12.38 21.15 0.02
N TRP B 169 13.39 22.00 -0.20
CA TRP B 169 13.31 23.04 -1.23
C TRP B 169 13.21 22.47 -2.65
N THR B 170 14.02 21.46 -2.94
CA THR B 170 14.00 20.87 -4.28
C THR B 170 12.73 20.09 -4.61
N VAL B 171 12.16 19.33 -3.66
CA VAL B 171 10.92 18.60 -3.96
C VAL B 171 9.80 19.57 -4.10
N SER B 172 9.88 20.70 -3.37
CA SER B 172 8.82 21.69 -3.45
C SER B 172 8.81 22.26 -4.86
N LEU B 173 9.94 22.23 -5.53
CA LEU B 173 10.01 22.71 -6.91
C LEU B 173 9.57 21.59 -7.83
N THR B 174 10.05 20.38 -7.54
CA THR B 174 9.75 19.17 -8.32
C THR B 174 8.31 18.65 -8.24
N ARG B 175 7.68 18.74 -7.07
CA ARG B 175 6.29 18.28 -6.84
C ARG B 175 6.05 16.96 -7.60
N PRO B 176 6.71 15.88 -7.13
CA PRO B 176 6.61 14.55 -7.73
C PRO B 176 5.35 13.77 -7.32
N GLU B 177 4.86 12.93 -8.24
CA GLU B 177 3.69 12.12 -7.96
C GLU B 177 4.10 10.98 -7.04
N ALA B 178 5.37 10.57 -7.14
CA ALA B 178 5.91 9.50 -6.32
C ALA B 178 7.35 9.84 -5.99
N ALA B 179 7.75 9.54 -4.76
CA ALA B 179 9.08 9.83 -4.24
C ALA B 179 9.66 8.65 -3.45
N LEU B 180 10.90 8.31 -3.78
CA LEU B 180 11.61 7.20 -3.16
C LEU B 180 12.93 7.58 -2.50
N VAL B 181 13.17 7.00 -1.32
CA VAL B 181 14.42 7.16 -0.55
C VAL B 181 15.05 5.75 -0.63
N ASN B 182 16.11 5.62 -1.42
CA ASN B 182 16.76 4.33 -1.64
C ASN B 182 17.36 3.64 -0.42
N ASN B 183 18.02 4.40 0.43
CA ASN B 183 18.64 3.87 1.65
C ASN B 183 19.26 4.99 2.48
N LEU B 184 19.74 4.64 3.67
CA LEU B 184 20.37 5.59 4.58
C LEU B 184 21.76 5.10 4.99
N ALA B 185 22.60 6.03 5.44
CA ALA B 185 23.97 5.72 5.90
C ALA B 185 24.70 7.02 6.22
N SER B 194 24.47 12.98 12.48
CA SER B 194 24.78 11.53 12.46
C SER B 194 23.87 10.91 11.41
N LEU B 195 23.51 9.65 11.63
CA LEU B 195 22.61 8.90 10.77
C LEU B 195 21.26 9.59 10.81
N ALA B 196 20.71 9.75 12.02
CA ALA B 196 19.40 10.41 12.25
C ALA B 196 19.26 11.69 11.45
N GLY B 197 20.37 12.42 11.33
CA GLY B 197 20.39 13.65 10.57
C GLY B 197 20.17 13.40 9.09
N VAL B 198 20.83 12.40 8.53
CA VAL B 198 20.66 12.09 7.11
C VAL B 198 19.26 11.51 6.91
N ALA B 199 18.77 10.75 7.89
CA ALA B 199 17.43 10.17 7.81
C ALA B 199 16.43 11.30 7.71
N LYS B 200 16.63 12.31 8.56
CA LYS B 200 15.79 13.50 8.61
C LYS B 200 15.86 14.21 7.25
N ALA B 201 17.06 14.60 6.85
CA ALA B 201 17.25 15.28 5.59
C ALA B 201 16.61 14.55 4.40
N LYS B 202 16.69 13.23 4.38
CA LYS B 202 16.13 12.42 3.29
C LYS B 202 14.60 12.33 3.37
N GLY B 203 14.08 12.26 4.59
CA GLY B 203 12.65 12.17 4.81
C GLY B 203 11.88 13.31 4.19
N GLU B 204 12.56 14.45 4.05
CA GLU B 204 11.99 15.65 3.46
C GLU B 204 11.45 15.41 2.06
N ILE B 205 11.99 14.44 1.32
CA ILE B 205 11.48 14.20 -0.02
C ILE B 205 9.98 13.90 -0.05
N PHE B 206 9.45 13.32 1.03
CA PHE B 206 8.03 13.00 1.09
C PHE B 206 7.11 14.21 1.22
N SER B 207 7.65 15.35 1.59
CA SER B 207 6.85 16.56 1.75
C SER B 207 6.33 17.15 0.45
N GLY B 208 6.92 16.76 -0.68
CA GLY B 208 6.49 17.31 -1.96
C GLY B 208 5.46 16.51 -2.71
N LEU B 209 4.98 15.45 -2.08
CA LEU B 209 4.00 14.57 -2.69
C LEU B 209 2.57 15.05 -2.60
N PRO B 210 1.82 14.94 -3.70
CA PRO B 210 0.43 15.37 -3.66
C PRO B 210 -0.32 14.40 -2.72
N GLU B 211 -1.55 14.73 -2.35
CA GLU B 211 -2.34 13.86 -1.49
C GLU B 211 -2.55 12.45 -2.06
N ASN B 212 -2.53 12.33 -3.38
CA ASN B 212 -2.70 11.04 -4.03
C ASN B 212 -1.33 10.47 -4.39
N GLY B 213 -0.28 11.12 -3.90
CA GLY B 213 1.08 10.68 -4.19
C GLY B 213 1.46 9.41 -3.44
N ILE B 214 2.50 8.74 -3.94
CA ILE B 214 2.99 7.49 -3.35
C ILE B 214 4.34 7.72 -2.72
N ALA B 215 4.50 7.24 -1.50
CA ALA B 215 5.76 7.34 -0.77
C ALA B 215 6.36 5.94 -0.87
N ILE B 216 7.57 5.83 -1.40
CA ILE B 216 8.20 4.52 -1.52
C ILE B 216 9.45 4.51 -0.64
N MSE B 217 9.71 3.38 0.01
CA MSE B 217 10.88 3.30 0.85
C MSE B 217 11.37 1.87 0.94
O MSE B 217 10.62 0.94 0.68
CB MSE B 217 10.57 3.89 2.22
CG MSE B 217 9.60 3.11 3.06
SE MSE B 217 9.05 4.22 4.55
CE MSE B 217 7.25 4.27 4.06
N ASN B 218 12.66 1.72 1.24
CA ASN B 218 13.32 0.43 1.38
C ASN B 218 12.84 -0.24 2.66
N ALA B 219 12.18 -1.38 2.54
CA ALA B 219 11.66 -2.10 3.70
C ALA B 219 12.76 -2.44 4.69
N ASP B 220 13.98 -2.59 4.18
CA ASP B 220 15.17 -2.95 4.97
C ASP B 220 16.09 -1.81 5.41
N ASN B 221 15.76 -0.57 5.05
CA ASN B 221 16.59 0.57 5.44
C ASN B 221 15.79 1.84 5.28
N ASN B 222 15.08 2.21 6.33
CA ASN B 222 14.25 3.40 6.28
C ASN B 222 14.10 3.96 7.69
N ASP B 223 13.29 5.01 7.83
CA ASP B 223 13.06 5.60 9.13
C ASP B 223 11.57 5.91 9.27
N TRP B 224 10.76 4.92 8.93
CA TRP B 224 9.30 5.02 8.98
C TRP B 224 8.74 5.59 10.29
N LEU B 225 9.32 5.20 11.40
CA LEU B 225 8.86 5.68 12.70
C LEU B 225 8.73 7.20 12.72
N ASN B 226 9.58 7.87 11.95
CA ASN B 226 9.56 9.33 11.89
C ASN B 226 8.92 9.81 10.61
N TRP B 227 9.30 9.18 9.51
CA TRP B 227 8.76 9.52 8.22
C TRP B 227 7.24 9.46 8.15
N GLN B 228 6.59 8.70 9.03
CA GLN B 228 5.14 8.62 9.03
C GLN B 228 4.47 9.97 9.33
N SER B 229 5.21 10.86 10.00
CA SER B 229 4.68 12.18 10.31
C SER B 229 4.74 13.09 9.09
N VAL B 230 5.74 12.86 8.23
CA VAL B 230 5.86 13.66 7.01
C VAL B 230 5.03 13.07 5.86
N ILE B 231 5.00 11.75 5.72
CA ILE B 231 4.25 11.15 4.62
C ILE B 231 2.73 11.24 4.80
N GLY B 232 2.30 11.33 6.05
CA GLY B 232 0.88 11.44 6.36
C GLY B 232 0.07 10.17 6.18
N SER B 233 -1.11 10.32 5.57
CA SER B 233 -2.00 9.21 5.30
C SER B 233 -1.91 8.88 3.82
N ARG B 234 -0.76 9.14 3.23
CA ARG B 234 -0.59 8.87 1.81
C ARG B 234 -0.36 7.40 1.57
N LYS B 235 -0.41 7.02 0.31
CA LYS B 235 -0.18 5.64 -0.10
C LYS B 235 1.32 5.36 0.12
N VAL B 236 1.64 4.15 0.57
CA VAL B 236 3.03 3.78 0.81
C VAL B 236 3.37 2.43 0.21
N TRP B 237 4.48 2.39 -0.53
CA TRP B 237 4.97 1.16 -1.12
C TRP B 237 6.31 0.91 -0.51
N ARG B 238 6.59 -0.34 -0.19
CA ARG B 238 7.88 -0.72 0.37
C ARG B 238 8.51 -1.70 -0.62
N PHE B 239 9.83 -1.76 -0.59
CA PHE B 239 10.51 -2.66 -1.50
C PHE B 239 11.66 -3.26 -0.72
N SER B 240 11.94 -4.51 -1.11
CA SER B 240 12.98 -5.33 -0.53
C SER B 240 12.79 -6.68 -1.17
N PRO B 241 13.88 -7.40 -1.43
CA PRO B 241 13.80 -8.73 -2.05
C PRO B 241 12.87 -9.75 -1.34
N ASN B 242 12.76 -9.68 0.00
CA ASN B 242 11.93 -10.63 0.75
C ASN B 242 11.48 -10.13 2.12
N ALA B 243 11.37 -8.82 2.31
CA ALA B 243 10.91 -8.34 3.61
C ALA B 243 9.44 -8.74 3.76
N ALA B 244 9.03 -9.10 4.97
CA ALA B 244 7.65 -9.48 5.25
C ALA B 244 6.65 -8.45 4.71
N ASN B 245 6.91 -7.18 5.02
CA ASN B 245 6.08 -6.05 4.61
C ASN B 245 6.42 -5.42 3.26
N SER B 246 7.19 -6.10 2.43
CA SER B 246 7.54 -5.54 1.13
C SER B 246 6.46 -5.76 0.09
N ASP B 247 6.38 -4.80 -0.83
CA ASP B 247 5.43 -4.80 -1.92
C ASP B 247 6.14 -5.18 -3.20
N PHE B 248 7.44 -4.95 -3.25
CA PHE B 248 8.22 -5.30 -4.41
C PHE B 248 9.25 -6.30 -3.94
N THR B 249 8.99 -7.53 -4.36
CA THR B 249 9.73 -8.71 -3.99
C THR B 249 10.49 -9.40 -5.11
N ALA B 250 11.48 -10.20 -4.74
CA ALA B 250 12.29 -10.95 -5.68
C ALA B 250 12.32 -12.42 -5.20
N THR B 251 12.13 -13.36 -6.12
CA THR B 251 12.19 -14.80 -5.79
C THR B 251 12.91 -15.52 -6.90
N ASN B 252 13.12 -16.82 -6.72
CA ASN B 252 13.79 -17.68 -7.70
C ASN B 252 15.06 -17.03 -8.19
N ILE B 253 15.82 -16.47 -7.27
CA ILE B 253 17.04 -15.78 -7.65
C ILE B 253 18.11 -16.74 -8.10
N HIS B 254 18.38 -16.72 -9.40
CA HIS B 254 19.37 -17.59 -10.01
C HIS B 254 20.39 -16.72 -10.71
N VAL B 255 21.61 -16.66 -10.18
CA VAL B 255 22.67 -15.89 -10.82
C VAL B 255 23.15 -16.66 -12.07
N THR B 256 23.63 -15.92 -13.06
CA THR B 256 24.08 -16.50 -14.32
C THR B 256 25.36 -15.80 -14.72
N SER B 257 26.04 -16.37 -15.72
CA SER B 257 27.29 -15.83 -16.27
C SER B 257 27.06 -14.38 -16.71
N HIS B 258 25.87 -14.13 -17.25
CA HIS B 258 25.49 -12.79 -17.70
C HIS B 258 25.10 -12.01 -16.45
N GLY B 259 23.84 -12.15 -16.06
CA GLY B 259 23.36 -11.46 -14.88
C GLY B 259 22.35 -12.26 -14.09
N THR B 260 21.83 -11.63 -13.05
CA THR B 260 20.86 -12.25 -12.18
C THR B 260 19.49 -12.36 -12.81
N GLU B 261 18.89 -13.53 -12.65
CA GLU B 261 17.55 -13.84 -13.12
C GLU B 261 16.76 -14.06 -11.86
N PHE B 262 15.53 -13.56 -11.85
CA PHE B 262 14.64 -13.71 -10.70
C PHE B 262 13.23 -13.32 -11.09
N THR B 263 12.26 -13.69 -10.24
CA THR B 263 10.88 -13.32 -10.49
C THR B 263 10.63 -12.05 -9.68
N LEU B 264 10.28 -10.99 -10.42
CA LEU B 264 9.97 -9.66 -9.88
C LEU B 264 8.47 -9.66 -9.57
N GLN B 265 8.13 -9.46 -8.30
CA GLN B 265 6.73 -9.49 -7.88
C GLN B 265 6.28 -8.12 -7.41
N THR B 266 5.27 -7.58 -8.08
CA THR B 266 4.72 -6.26 -7.79
C THR B 266 3.26 -6.35 -7.40
N PRO B 267 2.63 -5.23 -7.05
CA PRO B 267 1.22 -5.27 -6.67
C PRO B 267 0.29 -5.73 -7.78
N THR B 268 0.74 -5.62 -9.03
CA THR B 268 -0.11 -6.04 -10.14
C THR B 268 0.29 -7.37 -10.79
N GLY B 269 1.39 -7.96 -10.35
CA GLY B 269 1.82 -9.22 -10.95
C GLY B 269 3.30 -9.47 -10.86
N SER B 270 3.77 -10.50 -11.55
CA SER B 270 5.19 -10.88 -11.56
C SER B 270 5.78 -11.03 -12.95
N VAL B 271 7.07 -10.78 -13.04
CA VAL B 271 7.78 -10.93 -14.30
C VAL B 271 9.17 -11.48 -14.02
N ASP B 272 9.50 -12.55 -14.73
CA ASP B 272 10.80 -13.16 -14.60
C ASP B 272 11.70 -12.30 -15.49
N VAL B 273 12.73 -11.74 -14.87
CA VAL B 273 13.66 -10.86 -15.57
C VAL B 273 15.14 -11.27 -15.47
N LEU B 274 15.97 -10.61 -16.28
CA LEU B 274 17.40 -10.84 -16.30
C LEU B 274 18.07 -9.48 -16.10
N LEU B 275 18.41 -9.19 -14.84
CA LEU B 275 19.11 -7.95 -14.52
C LEU B 275 20.53 -8.29 -14.97
N PRO B 276 20.98 -7.74 -16.10
CA PRO B 276 22.32 -8.03 -16.60
C PRO B 276 23.43 -7.34 -15.82
N LEU B 277 23.32 -7.33 -14.50
CA LEU B 277 24.34 -6.67 -13.72
C LEU B 277 24.78 -7.45 -12.50
N PRO B 278 26.09 -7.73 -12.38
CA PRO B 278 26.68 -8.46 -11.26
C PRO B 278 26.44 -7.68 -9.98
N GLY B 279 26.02 -8.38 -8.92
CA GLY B 279 25.77 -7.72 -7.65
C GLY B 279 24.35 -7.91 -7.13
N ARG B 280 24.23 -8.54 -5.96
CA ARG B 280 22.92 -8.77 -5.34
C ARG B 280 22.30 -7.42 -4.94
N HIS B 281 23.17 -6.42 -4.71
CA HIS B 281 22.72 -5.09 -4.32
C HIS B 281 21.94 -4.45 -5.46
N ASN B 282 22.17 -4.90 -6.68
CA ASN B 282 21.44 -4.34 -7.79
C ASN B 282 20.03 -4.91 -7.87
N ILE B 283 19.76 -6.01 -7.16
CA ILE B 283 18.42 -6.57 -7.19
C ILE B 283 17.50 -5.63 -6.44
N ALA B 284 17.97 -5.13 -5.31
CA ALA B 284 17.19 -4.20 -4.49
C ALA B 284 16.94 -2.91 -5.29
N ASN B 285 17.95 -2.46 -6.04
CA ASN B 285 17.88 -1.28 -6.89
C ASN B 285 16.81 -1.47 -7.97
N ALA B 286 16.75 -2.69 -8.50
CA ALA B 286 15.79 -3.05 -9.52
C ALA B 286 14.38 -2.98 -8.94
N LEU B 287 14.23 -3.36 -7.69
CA LEU B 287 12.91 -3.33 -7.07
C LEU B 287 12.49 -1.88 -6.82
N ALA B 288 13.43 -1.04 -6.39
CA ALA B 288 13.12 0.38 -6.18
C ALA B 288 12.71 0.97 -7.52
N ALA B 289 13.50 0.68 -8.55
CA ALA B 289 13.21 1.17 -9.88
C ALA B 289 11.87 0.58 -10.38
N ALA B 290 11.59 -0.67 -10.02
CA ALA B 290 10.33 -1.26 -10.44
C ALA B 290 9.18 -0.47 -9.76
N ALA B 291 9.36 -0.13 -8.50
CA ALA B 291 8.35 0.60 -7.75
C ALA B 291 8.12 1.99 -8.31
N LEU B 292 9.18 2.79 -8.36
CA LEU B 292 9.11 4.16 -8.87
C LEU B 292 8.53 4.22 -10.26
N SER B 293 8.93 3.29 -11.11
CA SER B 293 8.42 3.26 -12.48
C SER B 293 6.93 2.95 -12.52
N MSE B 294 6.54 1.95 -11.72
CA MSE B 294 5.17 1.51 -11.69
C MSE B 294 4.23 2.51 -11.07
O MSE B 294 3.04 2.48 -11.35
CB MSE B 294 5.09 0.19 -10.93
CG MSE B 294 3.83 -0.58 -11.28
SE MSE B 294 3.84 -2.36 -10.71
CE MSE B 294 2.89 -2.00 -9.20
N SER B 295 4.78 3.44 -10.28
CA SER B 295 3.99 4.48 -9.63
C SER B 295 3.37 5.47 -10.63
N VAL B 296 3.94 5.55 -11.82
CA VAL B 296 3.40 6.43 -12.85
C VAL B 296 2.94 5.63 -14.06
N GLY B 297 2.59 4.37 -13.82
CA GLY B 297 2.09 3.53 -14.90
C GLY B 297 2.97 2.58 -15.67
N ALA B 298 4.15 2.24 -15.15
CA ALA B 298 5.01 1.33 -15.89
C ALA B 298 4.45 -0.07 -15.79
N THR B 299 4.46 -0.81 -16.90
CA THR B 299 3.95 -2.17 -16.92
C THR B 299 5.07 -3.17 -16.65
N LEU B 300 4.70 -4.37 -16.22
CA LEU B 300 5.66 -5.43 -15.94
C LEU B 300 6.56 -5.63 -17.16
N ASP B 301 5.95 -5.68 -18.33
CA ASP B 301 6.70 -5.84 -19.57
C ASP B 301 7.72 -4.72 -19.80
N ALA B 302 7.42 -3.51 -19.30
CA ALA B 302 8.34 -2.38 -19.45
C ALA B 302 9.44 -2.48 -18.42
N ILE B 303 9.09 -2.98 -17.24
CA ILE B 303 10.05 -3.16 -16.17
C ILE B 303 11.06 -4.19 -16.65
N LYS B 304 10.55 -5.20 -17.34
CA LYS B 304 11.40 -6.25 -17.88
C LYS B 304 12.30 -5.73 -19.00
N ALA B 305 11.69 -5.13 -20.03
CA ALA B 305 12.43 -4.59 -21.17
C ALA B 305 13.44 -3.54 -20.77
N GLY B 306 13.08 -2.75 -19.76
CA GLY B 306 13.99 -1.71 -19.29
C GLY B 306 15.15 -2.29 -18.49
N LEU B 307 14.83 -3.18 -17.55
CA LEU B 307 15.84 -3.82 -16.70
C LEU B 307 16.87 -4.58 -17.54
N ALA B 308 16.39 -5.20 -18.61
CA ALA B 308 17.22 -6.01 -19.50
C ALA B 308 18.35 -5.35 -20.30
N ASN B 309 18.33 -4.05 -20.50
CA ASN B 309 19.40 -3.42 -21.30
C ASN B 309 20.44 -2.57 -20.57
N LEU B 310 20.41 -2.60 -19.24
CA LEU B 310 21.36 -1.85 -18.41
C LEU B 310 22.84 -2.19 -18.72
N LYS B 311 23.74 -1.24 -18.47
CA LYS B 311 25.19 -1.41 -18.71
C LYS B 311 25.89 -1.01 -17.42
N ALA B 312 27.12 -1.49 -17.17
CA ALA B 312 27.83 -1.13 -15.93
C ALA B 312 28.91 -0.04 -16.05
N VAL B 313 29.26 0.57 -14.92
CA VAL B 313 30.29 1.63 -14.91
C VAL B 313 31.69 0.99 -14.84
N PRO B 314 32.50 1.16 -15.91
CA PRO B 314 33.86 0.59 -15.93
C PRO B 314 34.54 0.72 -14.58
N GLY B 315 35.11 -0.39 -14.13
CA GLY B 315 35.81 -0.44 -12.85
C GLY B 315 34.92 -0.67 -11.64
N ARG B 316 33.62 -0.85 -11.88
CA ARG B 316 32.61 -1.08 -10.81
C ARG B 316 31.78 -2.30 -11.18
N LEU B 317 32.23 -3.49 -10.75
CA LEU B 317 31.54 -4.75 -11.08
C LEU B 317 31.16 -4.69 -12.53
N PHE B 318 32.08 -4.14 -13.31
CA PHE B 318 31.90 -3.98 -14.74
C PHE B 318 32.25 -5.28 -15.44
N PRO B 319 31.25 -5.93 -16.04
CA PRO B 319 31.58 -7.19 -16.72
C PRO B 319 32.16 -7.02 -18.12
N ILE B 320 33.10 -7.91 -18.46
CA ILE B 320 33.73 -7.93 -19.77
C ILE B 320 33.69 -9.40 -20.19
N GLN B 321 32.86 -9.70 -21.18
CA GLN B 321 32.75 -11.06 -21.70
C GLN B 321 34.00 -11.39 -22.52
N LEU B 322 34.89 -12.23 -21.98
CA LEU B 322 36.12 -12.64 -22.67
C LEU B 322 35.82 -13.55 -23.86
N ALA B 323 35.15 -14.67 -23.59
CA ALA B 323 34.77 -15.63 -24.63
C ALA B 323 33.57 -16.30 -23.98
N GLU B 324 33.02 -17.34 -24.61
CA GLU B 324 31.86 -18.04 -24.04
C GLU B 324 32.23 -18.48 -22.64
N ASN B 325 31.32 -18.22 -21.68
CA ASN B 325 31.54 -18.62 -20.29
C ASN B 325 32.89 -18.15 -19.67
N GLN B 326 33.49 -17.12 -20.24
CA GLN B 326 34.74 -16.55 -19.73
C GLN B 326 34.43 -15.11 -19.37
N LEU B 327 34.03 -14.90 -18.11
CA LEU B 327 33.62 -13.59 -17.63
C LEU B 327 34.60 -12.88 -16.72
N LEU B 328 35.08 -11.71 -17.15
CA LEU B 328 35.98 -10.91 -16.32
C LEU B 328 35.09 -9.87 -15.65
N LEU B 329 35.38 -9.56 -14.39
CA LEU B 329 34.59 -8.58 -13.67
C LEU B 329 35.49 -7.48 -13.17
N ASP B 330 35.60 -6.42 -13.98
CA ASP B 330 36.41 -5.27 -13.67
C ASP B 330 35.82 -4.49 -12.49
N ASP B 331 36.43 -4.67 -11.31
CA ASP B 331 36.01 -3.93 -10.11
C ASP B 331 37.26 -3.25 -9.55
N SER B 332 38.12 -2.85 -10.48
CA SER B 332 39.39 -2.23 -10.15
C SER B 332 39.41 -0.77 -9.77
N TYR B 333 38.25 -0.11 -9.77
CA TYR B 333 38.27 1.30 -9.41
C TYR B 333 38.92 1.52 -8.05
N ASN B 334 38.50 0.73 -7.06
CA ASN B 334 39.06 0.88 -5.72
C ASN B 334 38.68 -0.33 -4.89
N ALA B 335 39.23 -0.41 -3.68
CA ALA B 335 38.98 -1.50 -2.76
C ALA B 335 39.42 -1.13 -1.34
N ASN B 336 38.56 -1.47 -0.39
CA ASN B 336 38.76 -1.26 1.05
C ASN B 336 38.12 -2.53 1.63
N VAL B 337 38.38 -2.85 2.89
CA VAL B 337 37.83 -4.08 3.48
C VAL B 337 36.40 -4.40 3.05
N GLY B 338 35.49 -3.46 3.32
CA GLY B 338 34.09 -3.62 2.99
C GLY B 338 33.83 -4.02 1.56
N SER B 339 34.30 -3.23 0.60
CA SER B 339 34.08 -3.52 -0.82
C SER B 339 34.78 -4.81 -1.30
N MSE B 340 35.94 -5.08 -0.73
CA MSE B 340 36.72 -6.25 -1.07
C MSE B 340 35.95 -7.48 -0.55
O MSE B 340 35.70 -8.43 -1.30
CB MSE B 340 38.12 -6.15 -0.44
CG MSE B 340 39.11 -7.19 -0.91
SE MSE B 340 39.35 -7.32 -2.78
CE MSE B 340 40.97 -6.17 -2.86
N THR B 341 35.51 -7.41 0.71
CA THR B 341 34.76 -8.48 1.34
C THR B 341 33.43 -8.75 0.60
N ALA B 342 32.77 -7.70 0.14
CA ALA B 342 31.52 -7.86 -0.62
C ALA B 342 31.77 -8.38 -2.04
N ALA B 343 32.91 -8.05 -2.61
CA ALA B 343 33.26 -8.51 -3.96
C ALA B 343 33.46 -10.03 -3.91
N VAL B 344 34.01 -10.52 -2.80
CA VAL B 344 34.24 -11.95 -2.61
C VAL B 344 32.87 -12.64 -2.65
N GLN B 345 31.88 -11.98 -2.06
CA GLN B 345 30.50 -12.47 -2.03
C GLN B 345 29.94 -12.60 -3.47
N VAL B 346 30.11 -11.56 -4.27
CA VAL B 346 29.63 -11.59 -5.65
C VAL B 346 30.29 -12.71 -6.42
N LEU B 347 31.61 -12.83 -6.25
CA LEU B 347 32.39 -13.87 -6.94
C LEU B 347 31.90 -15.27 -6.61
N ALA B 348 31.69 -15.53 -5.33
CA ALA B 348 31.23 -16.84 -4.86
C ALA B 348 30.06 -17.40 -5.66
N GLU B 349 29.00 -16.61 -5.80
CA GLU B 349 27.80 -17.02 -6.54
C GLU B 349 28.01 -17.13 -8.05
N MSE B 350 29.14 -16.62 -8.53
CA MSE B 350 29.45 -16.67 -9.95
C MSE B 350 29.70 -18.09 -10.47
O MSE B 350 30.18 -18.94 -9.74
CB MSE B 350 30.67 -15.77 -10.23
CG MSE B 350 30.38 -14.28 -10.14
SE MSE B 350 29.08 -13.71 -11.52
CE MSE B 350 27.83 -12.81 -10.35
N PRO B 351 29.36 -18.34 -11.75
CA PRO B 351 29.51 -19.63 -12.43
C PRO B 351 30.96 -20.10 -12.79
N GLY B 352 31.16 -21.43 -12.74
CA GLY B 352 32.44 -22.06 -13.07
C GLY B 352 33.60 -21.91 -12.09
N TYR B 353 34.82 -21.94 -12.65
CA TYR B 353 36.06 -21.78 -11.88
C TYR B 353 36.16 -20.28 -11.52
N ARG B 354 36.16 -19.99 -10.23
CA ARG B 354 36.19 -18.63 -9.75
C ARG B 354 37.54 -18.16 -9.24
N VAL B 355 38.04 -17.09 -9.84
CA VAL B 355 39.35 -16.51 -9.51
C VAL B 355 39.26 -15.06 -8.99
N LEU B 356 39.71 -14.82 -7.77
CA LEU B 356 39.73 -13.48 -7.21
C LEU B 356 41.12 -12.89 -7.46
N VAL B 357 41.28 -12.03 -8.45
CA VAL B 357 42.59 -11.45 -8.70
C VAL B 357 42.63 -10.14 -7.89
N VAL B 358 43.63 -9.97 -7.03
CA VAL B 358 43.69 -8.76 -6.22
C VAL B 358 45.03 -8.06 -6.09
N GLY B 359 44.95 -6.78 -5.72
CA GLY B 359 46.12 -5.95 -5.52
C GLY B 359 45.96 -5.46 -4.09
N ASP B 360 46.91 -4.65 -3.61
CA ASP B 360 46.83 -4.15 -2.24
C ASP B 360 45.63 -3.24 -2.07
N MSE B 361 45.02 -3.27 -0.89
CA MSE B 361 43.89 -2.38 -0.64
C MSE B 361 44.51 -1.09 -0.15
O MSE B 361 45.58 -1.12 0.51
CB MSE B 361 42.98 -2.95 0.45
CG MSE B 361 42.25 -4.22 0.06
SE MSE B 361 41.04 -4.86 1.44
CE MSE B 361 42.10 -4.56 3.02
N ALA B 362 43.84 0.02 -0.42
CA ALA B 362 44.32 1.36 -0.04
C ALA B 362 44.30 1.57 1.48
N GLU B 363 44.46 0.47 2.20
CA GLU B 363 44.45 0.47 3.64
C GLU B 363 45.36 1.48 4.32
N LEU B 364 45.22 1.52 5.64
CA LEU B 364 46.02 2.40 6.46
C LEU B 364 46.27 1.72 7.81
N GLY B 365 47.40 2.06 8.41
CA GLY B 365 47.80 1.55 9.72
C GLY B 365 48.08 0.06 9.89
N ALA B 366 48.43 -0.29 11.13
CA ALA B 366 48.75 -1.66 11.54
C ALA B 366 47.61 -2.66 11.24
N GLU B 367 46.40 -2.14 11.03
CA GLU B 367 45.23 -2.96 10.72
C GLU B 367 45.30 -3.57 9.30
N SER B 368 46.04 -2.92 8.40
CA SER B 368 46.21 -3.38 7.01
C SER B 368 46.47 -4.90 6.90
N GLU B 369 47.44 -5.39 7.66
CA GLU B 369 47.81 -6.80 7.69
C GLU B 369 46.57 -7.68 7.88
N ALA B 370 45.91 -7.48 9.02
CA ALA B 370 44.72 -8.23 9.40
C ALA B 370 43.60 -8.16 8.37
N CYS B 371 43.32 -6.96 7.87
CA CYS B 371 42.27 -6.73 6.87
C CYS B 371 42.47 -7.59 5.64
N HIS B 372 43.71 -7.69 5.19
CA HIS B 372 44.02 -8.49 4.02
C HIS B 372 43.77 -9.95 4.40
N VAL B 373 44.18 -10.30 5.61
CA VAL B 373 43.99 -11.65 6.12
C VAL B 373 42.51 -12.00 6.14
N GLN B 374 41.70 -11.08 6.68
CA GLN B 374 40.26 -11.25 6.75
C GLN B 374 39.67 -11.57 5.39
N VAL B 375 39.96 -10.72 4.42
CA VAL B 375 39.45 -10.89 3.05
C VAL B 375 39.83 -12.27 2.50
N GLY B 376 41.07 -12.70 2.78
CA GLY B 376 41.52 -14.00 2.34
C GLY B 376 40.66 -15.08 2.98
N GLU B 377 40.48 -14.99 4.30
CA GLU B 377 39.66 -15.93 5.06
C GLU B 377 38.23 -15.97 4.55
N ALA B 378 37.69 -14.80 4.15
CA ALA B 378 36.35 -14.73 3.58
C ALA B 378 36.34 -15.45 2.22
N ALA B 379 37.43 -15.33 1.46
CA ALA B 379 37.58 -16.00 0.17
C ALA B 379 37.66 -17.52 0.41
N LYS B 380 38.28 -17.86 1.53
CA LYS B 380 38.44 -19.24 1.96
C LYS B 380 37.03 -19.80 2.26
N ALA B 381 36.34 -19.15 3.20
CA ALA B 381 34.98 -19.54 3.60
C ALA B 381 33.99 -19.45 2.43
N ALA B 382 34.20 -18.49 1.53
CA ALA B 382 33.33 -18.35 0.37
C ALA B 382 33.63 -19.47 -0.61
N GLY B 383 34.75 -20.15 -0.40
CA GLY B 383 35.14 -21.26 -1.25
C GLY B 383 35.47 -20.91 -2.68
N ILE B 384 36.22 -19.83 -2.87
CA ILE B 384 36.63 -19.40 -4.20
C ILE B 384 37.57 -20.49 -4.72
N ASP B 385 37.72 -20.62 -6.03
CA ASP B 385 38.58 -21.66 -6.55
C ASP B 385 40.06 -21.25 -6.69
N ARG B 386 40.33 -19.95 -6.65
CA ARG B 386 41.69 -19.45 -6.76
C ARG B 386 41.77 -18.00 -6.36
N VAL B 387 42.93 -17.59 -5.85
CA VAL B 387 43.15 -16.20 -5.45
C VAL B 387 44.57 -15.77 -5.81
N LEU B 388 44.72 -15.23 -7.01
CA LEU B 388 45.99 -14.75 -7.54
C LEU B 388 46.20 -13.34 -6.96
N SER B 389 47.38 -13.04 -6.44
CA SER B 389 47.56 -11.69 -5.89
C SER B 389 48.90 -11.06 -6.30
N VAL B 390 48.98 -9.74 -6.18
CA VAL B 390 50.18 -8.97 -6.52
C VAL B 390 50.29 -7.77 -5.61
N GLY B 391 51.48 -7.62 -5.02
CA GLY B 391 51.71 -6.51 -4.13
C GLY B 391 52.48 -6.93 -2.90
N LYS B 392 52.80 -5.97 -2.03
CA LYS B 392 53.55 -6.27 -0.82
C LYS B 392 52.65 -6.50 0.39
N GLN B 393 51.34 -6.49 0.17
CA GLN B 393 50.36 -6.69 1.24
C GLN B 393 49.35 -7.79 0.88
N SER B 394 48.92 -7.77 -0.38
CA SER B 394 47.94 -8.72 -0.88
C SER B 394 48.37 -10.17 -0.79
N HIS B 395 49.62 -10.41 -0.38
CA HIS B 395 50.12 -11.77 -0.24
C HIS B 395 49.33 -12.48 0.87
N ALA B 396 48.88 -11.72 1.86
CA ALA B 396 48.11 -12.26 2.99
C ALA B 396 46.73 -12.75 2.58
N ILE B 397 46.20 -12.21 1.48
CA ILE B 397 44.88 -12.61 1.02
C ILE B 397 45.00 -13.97 0.35
N SER B 398 45.95 -14.10 -0.57
CA SER B 398 46.19 -15.35 -1.29
C SER B 398 46.56 -16.44 -0.30
N THR B 399 47.36 -16.05 0.70
CA THR B 399 47.80 -16.96 1.74
C THR B 399 46.57 -17.43 2.57
N ALA B 400 45.94 -16.49 3.29
CA ALA B 400 44.79 -16.78 4.15
C ALA B 400 43.66 -17.52 3.44
N SER B 401 43.55 -17.38 2.12
CA SER B 401 42.50 -18.08 1.39
C SER B 401 42.74 -19.59 1.28
N GLY B 402 43.99 -20.02 1.52
CA GLY B 402 44.33 -21.44 1.43
C GLY B 402 44.32 -21.94 0.00
N VAL B 403 44.27 -21.00 -0.94
CA VAL B 403 44.25 -21.32 -2.35
C VAL B 403 45.03 -20.18 -3.02
N GLY B 404 45.05 -20.15 -4.35
CA GLY B 404 45.78 -19.09 -5.04
C GLY B 404 47.28 -18.92 -4.75
N GLU B 405 47.92 -18.10 -5.57
CA GLU B 405 49.35 -17.85 -5.46
C GLU B 405 49.66 -16.36 -5.60
N HIS B 406 50.77 -15.93 -4.99
CA HIS B 406 51.21 -14.53 -5.03
C HIS B 406 52.29 -14.26 -6.09
N PHE B 407 52.35 -13.02 -6.57
CA PHE B 407 53.31 -12.63 -7.60
C PHE B 407 53.99 -11.36 -7.21
N ALA B 408 55.21 -11.19 -7.73
CA ALA B 408 56.02 -10.02 -7.42
C ALA B 408 55.69 -8.84 -8.32
N ASP B 409 55.14 -9.14 -9.51
CA ASP B 409 54.77 -8.09 -10.43
C ASP B 409 53.50 -8.51 -11.16
N LYS B 410 52.91 -7.54 -11.86
CA LYS B 410 51.67 -7.78 -12.59
C LYS B 410 51.86 -8.62 -13.84
N THR B 411 53.01 -8.49 -14.49
CA THR B 411 53.28 -9.22 -15.73
C THR B 411 53.32 -10.74 -15.51
N ALA B 412 53.82 -11.14 -14.35
CA ALA B 412 53.90 -12.55 -13.96
C ALA B 412 52.48 -13.03 -13.68
N LEU B 413 51.67 -12.15 -13.08
CA LEU B 413 50.28 -12.47 -12.77
C LEU B 413 49.50 -12.63 -14.06
N ILE B 414 49.67 -11.71 -15.00
CA ILE B 414 48.92 -11.78 -16.26
C ILE B 414 49.27 -13.01 -17.08
N THR B 415 50.49 -13.51 -16.92
CA THR B 415 50.92 -14.71 -17.63
C THR B 415 50.14 -15.92 -17.10
N ARG B 416 50.22 -16.10 -15.78
CA ARG B 416 49.55 -17.18 -15.08
C ARG B 416 48.07 -17.09 -15.32
N LEU B 417 47.52 -15.89 -15.11
CA LEU B 417 46.10 -15.64 -15.32
C LEU B 417 45.69 -16.05 -16.74
N LYS B 418 46.54 -15.78 -17.73
CA LYS B 418 46.21 -16.18 -19.10
C LYS B 418 46.18 -17.70 -19.18
N LEU B 419 47.04 -18.38 -18.42
CA LEU B 419 47.06 -19.84 -18.41
C LEU B 419 45.73 -20.32 -17.83
N LEU B 420 45.39 -19.82 -16.65
CA LEU B 420 44.14 -20.16 -15.99
C LEU B 420 42.94 -20.04 -16.94
N ILE B 421 42.97 -19.02 -17.79
CA ILE B 421 41.90 -18.78 -18.74
C ILE B 421 41.86 -19.89 -19.82
N ALA B 422 43.04 -20.34 -20.26
CA ALA B 422 43.12 -21.39 -21.27
C ALA B 422 42.79 -22.77 -20.66
N GLU B 423 43.34 -23.00 -19.47
CA GLU B 423 43.13 -24.22 -18.72
C GLU B 423 41.64 -24.40 -18.35
N GLN B 424 41.01 -23.34 -17.84
CA GLN B 424 39.60 -23.41 -17.47
C GLN B 424 38.65 -22.85 -18.55
N GLN B 425 37.88 -23.72 -19.19
CA GLN B 425 36.92 -23.31 -20.24
C GLN B 425 35.73 -22.54 -19.66
N VAL B 426 35.60 -22.57 -18.34
CA VAL B 426 34.52 -21.89 -17.61
C VAL B 426 35.16 -21.19 -16.40
N ILE B 427 35.49 -19.91 -16.56
CA ILE B 427 36.11 -19.10 -15.51
C ILE B 427 35.36 -17.80 -15.26
N THR B 428 35.49 -17.30 -14.05
CA THR B 428 34.89 -16.02 -13.68
C THR B 428 35.96 -15.31 -12.85
N ILE B 429 36.58 -14.33 -13.48
CA ILE B 429 37.65 -13.56 -12.85
C ILE B 429 37.14 -12.22 -12.32
N LEU B 430 37.44 -11.92 -11.06
CA LEU B 430 37.05 -10.65 -10.49
C LEU B 430 38.33 -9.99 -10.07
N VAL B 431 38.66 -8.89 -10.74
CA VAL B 431 39.87 -8.12 -10.46
C VAL B 431 39.52 -6.95 -9.58
N LYS B 432 40.25 -6.79 -8.49
CA LYS B 432 39.98 -5.70 -7.58
C LYS B 432 41.27 -5.31 -6.84
N GLY B 433 41.41 -4.03 -6.57
CA GLY B 433 42.57 -3.51 -5.87
C GLY B 433 42.32 -2.03 -5.72
N SER B 434 42.96 -1.41 -4.74
CA SER B 434 42.79 0.03 -4.50
C SER B 434 43.24 0.87 -5.71
N ARG B 435 42.96 2.18 -5.66
CA ARG B 435 43.33 3.06 -6.76
C ARG B 435 44.81 2.99 -7.08
N SER B 436 45.65 3.08 -6.06
CA SER B 436 47.11 3.02 -6.23
C SER B 436 47.64 1.67 -6.73
N ALA B 437 46.87 0.61 -6.50
CA ALA B 437 47.24 -0.72 -6.96
C ALA B 437 47.15 -0.78 -8.49
N ALA B 438 46.40 0.15 -9.07
CA ALA B 438 46.24 0.21 -10.52
C ALA B 438 46.03 -1.17 -11.15
N MSE B 439 44.97 -1.84 -10.70
CA MSE B 439 44.65 -3.17 -11.19
C MSE B 439 43.97 -3.19 -12.55
O MSE B 439 43.83 -4.25 -13.15
CB MSE B 439 43.82 -3.92 -10.16
CG MSE B 439 44.61 -4.27 -8.89
SE MSE B 439 46.06 -5.62 -9.12
CE MSE B 439 47.38 -4.62 -8.20
N GLU B 440 43.58 -2.02 -13.06
CA GLU B 440 42.92 -1.93 -14.35
C GLU B 440 43.89 -2.38 -15.42
N GLU B 441 45.18 -2.35 -15.10
CA GLU B 441 46.22 -2.78 -16.02
C GLU B 441 46.09 -4.29 -16.30
N VAL B 442 45.73 -5.07 -15.26
CA VAL B 442 45.51 -6.51 -15.37
C VAL B 442 44.34 -6.71 -16.35
N VAL B 443 43.30 -5.91 -16.12
CA VAL B 443 42.10 -5.92 -16.93
C VAL B 443 42.40 -5.55 -18.38
N ARG B 444 43.13 -4.45 -18.59
CA ARG B 444 43.46 -4.00 -19.95
C ARG B 444 44.19 -5.14 -20.64
N ALA B 445 45.24 -5.63 -19.99
CA ALA B 445 46.05 -6.71 -20.52
C ALA B 445 45.21 -7.89 -20.93
N LEU B 446 44.29 -8.29 -20.06
CA LEU B 446 43.40 -9.43 -20.35
C LEU B 446 42.58 -9.30 -21.63
N GLN B 447 42.37 -8.07 -22.11
CA GLN B 447 41.58 -7.85 -23.33
C GLN B 447 42.43 -7.32 -24.50
#